data_4JBF
#
_entry.id   4JBF
#
_cell.length_a   66.927
_cell.length_b   70.167
_cell.length_c   114.820
_cell.angle_alpha   90.00
_cell.angle_beta   97.35
_cell.angle_gamma   90.00
#
_symmetry.space_group_name_H-M   'P 1 21 1'
#
loop_
_entity.id
_entity.type
_entity.pdbx_description
1 polymer 'Peptidoglycan glycosyltransferase'
2 non-polymer 'TETRAETHYLENE GLYCOL'
3 water water
#
_entity_poly.entity_id   1
_entity_poly.type   'polypeptide(L)'
_entity_poly.pdbx_seq_one_letter_code
;(MSE)HHHHHHSSGVDLWSHPQFEKGTENLYFQSNAIDAPRLQALPTNNHTIAKSAYVQRGAIITSDGVTLAESVKQDDG
TYVRNYPHDG(MSE)ASHTVGYISTQYGTAGIESS(MSE)NETLTGHADHSDWRSALYS(MSE)AGINTTGSSVVLTINS
Q(MSE)QAVAEAALQGYSGSIVV(MSE)DPSTGAVLAKASSPSYTHAELGTIIESGTGSQLVDRTTQALYSPGSSFKTVT
LAAGIDTHKTTLDTTYSAPGT(MSE)EIGGGTIHNYANED(MSE)GTIPLREAFARSSNTALAQLGVALGADNLVSYARA
FGYGTALGQDFSTTPSL(MSE)PNPAE(MSE)TTWELAWASCGLPVGEHASPAGPQTTV(MSE)QNAVIAAAIANGGVV
(MSE)NPYIVDRVLSPEGAVVSTTSPKSLGQAVSADTAAQVREA(MSE)LGVVESGTG(MSE)GARVPGVKIAGKTGTAD
VENGNFNSFFIGFAPYDHPTLVVSVVIEGNGENVLGYGAQVGGRVLAQCLNIQALGAAS
;
_entity_poly.pdbx_strand_id   A,B
#
# COMPACT_ATOMS: atom_id res chain seq x y z
N SER A 51 15.13 -17.73 -44.33
CA SER A 51 13.74 -17.26 -44.62
C SER A 51 13.10 -16.46 -43.47
N ALA A 52 13.41 -15.16 -43.46
CA ALA A 52 12.81 -14.24 -42.52
C ALA A 52 11.73 -13.53 -43.38
N TYR A 53 11.20 -14.26 -44.36
CA TYR A 53 10.17 -13.76 -45.27
C TYR A 53 8.78 -14.20 -44.80
N VAL A 54 8.77 -15.08 -43.81
CA VAL A 54 7.54 -15.60 -43.23
C VAL A 54 7.28 -14.76 -42.00
N GLN A 55 6.18 -14.01 -42.01
CA GLN A 55 5.82 -13.16 -40.88
C GLN A 55 5.49 -13.93 -39.59
N ARG A 56 5.80 -13.32 -38.46
CA ARG A 56 5.51 -13.91 -37.17
C ARG A 56 4.29 -13.27 -36.58
N GLY A 57 3.52 -14.10 -35.89
CA GLY A 57 2.33 -13.63 -35.21
C GLY A 57 2.75 -12.80 -34.00
N ALA A 58 1.84 -11.92 -33.60
CA ALA A 58 2.03 -11.04 -32.46
C ALA A 58 1.99 -11.81 -31.10
N ILE A 59 2.45 -11.12 -30.06
CA ILE A 59 2.42 -11.62 -28.68
C ILE A 59 1.68 -10.52 -27.92
N ILE A 60 0.51 -10.88 -27.40
CA ILE A 60 -0.40 -9.96 -26.76
C ILE A 60 -0.84 -10.38 -25.36
N THR A 61 -1.07 -9.39 -24.49
CA THR A 61 -1.54 -9.57 -23.11
C THR A 61 -3.01 -9.87 -23.13
N SER A 62 -3.49 -10.46 -22.03
CA SER A 62 -4.88 -10.86 -21.90
C SER A 62 -5.80 -9.67 -22.07
N ASP A 63 -5.31 -8.48 -21.71
CA ASP A 63 -6.10 -7.27 -21.79
C ASP A 63 -5.83 -6.46 -23.09
N GLY A 64 -5.40 -7.15 -24.13
CA GLY A 64 -5.18 -6.58 -25.44
C GLY A 64 -4.02 -5.70 -25.77
N VAL A 65 -2.95 -5.74 -24.97
CA VAL A 65 -1.78 -4.95 -25.25
C VAL A 65 -0.77 -5.77 -26.05
N THR A 66 -0.31 -5.24 -27.17
CA THR A 66 0.64 -5.97 -27.99
C THR A 66 2.07 -5.69 -27.51
N LEU A 67 2.81 -6.76 -27.22
CA LEU A 67 4.18 -6.63 -26.76
C LEU A 67 5.22 -7.04 -27.79
N ALA A 68 4.74 -7.65 -28.90
CA ALA A 68 5.60 -8.08 -30.00
C ALA A 68 4.82 -8.20 -31.35
N GLU A 69 5.36 -7.56 -32.39
CA GLU A 69 4.79 -7.54 -33.76
C GLU A 69 5.77 -8.02 -34.84
N SER A 70 5.49 -7.62 -36.08
CA SER A 70 6.32 -7.88 -37.25
C SER A 70 5.81 -7.02 -38.39
N VAL A 71 6.74 -6.44 -39.16
CA VAL A 71 6.40 -5.61 -40.31
C VAL A 71 7.39 -5.86 -41.45
N GLN A 73 8.94 -5.59 -44.19
CA GLN A 73 9.82 -4.65 -44.90
C GLN A 73 9.82 -4.68 -46.43
N ASP A 74 10.11 -3.52 -47.02
CA ASP A 74 10.22 -3.31 -48.48
C ASP A 74 11.09 -4.42 -49.05
N ASP A 75 12.12 -4.76 -48.30
CA ASP A 75 12.98 -5.85 -48.69
C ASP A 75 12.14 -7.15 -48.65
N THR A 77 11.13 -9.80 -46.31
CA THR A 77 11.78 -9.71 -45.01
C THR A 77 10.94 -8.91 -44.03
N TYR A 78 10.81 -9.44 -42.81
CA TYR A 78 10.06 -8.78 -41.74
C TYR A 78 10.96 -8.44 -40.56
N VAL A 79 10.65 -7.36 -39.85
CA VAL A 79 11.41 -6.96 -38.66
C VAL A 79 10.60 -7.16 -37.37
N ARG A 80 11.26 -7.72 -36.36
CA ARG A 80 10.61 -7.98 -35.06
C ARG A 80 10.65 -6.71 -34.22
N ASN A 81 9.46 -6.18 -33.95
CA ASN A 81 9.27 -4.97 -33.17
C ASN A 81 8.77 -5.32 -31.75
N TYR A 82 9.19 -4.54 -30.75
CA TYR A 82 8.76 -4.76 -29.36
C TYR A 82 8.12 -3.54 -28.71
N PRO A 83 6.80 -3.31 -28.95
CA PRO A 83 6.15 -2.19 -28.30
C PRO A 83 6.14 -2.35 -26.76
N HIS A 84 6.07 -1.20 -26.09
CA HIS A 84 6.14 -1.12 -24.64
C HIS A 84 7.38 -1.86 -24.23
N ASP A 85 8.41 -1.72 -25.05
CA ASP A 85 9.69 -2.40 -24.87
C ASP A 85 10.12 -2.23 -23.43
N GLY A 86 10.38 -3.34 -22.74
CA GLY A 86 10.73 -3.25 -21.34
C GLY A 86 9.67 -3.88 -20.47
N ALA A 88 7.56 -6.84 -19.19
CA ALA A 88 7.65 -8.32 -19.18
C ALA A 88 8.65 -8.89 -20.15
N SER A 89 9.84 -8.28 -20.19
CA SER A 89 10.89 -8.65 -21.14
C SER A 89 11.28 -10.12 -21.09
N HIS A 90 11.57 -10.61 -19.89
CA HIS A 90 11.97 -12.01 -19.77
C HIS A 90 10.90 -12.97 -20.29
N THR A 91 9.66 -12.63 -20.03
CA THR A 91 8.51 -13.45 -20.43
C THR A 91 8.28 -13.42 -21.94
N VAL A 92 8.40 -12.22 -22.49
CA VAL A 92 8.27 -12.06 -23.94
C VAL A 92 9.47 -12.73 -24.61
N GLY A 93 10.65 -12.54 -24.03
CA GLY A 93 11.81 -13.20 -24.57
C GLY A 93 12.38 -12.62 -25.85
N TYR A 94 13.17 -13.44 -26.50
CA TYR A 94 13.94 -13.09 -27.67
C TYR A 94 14.67 -14.29 -28.27
N ILE A 95 15.15 -14.06 -29.50
CA ILE A 95 15.95 -15.02 -30.27
C ILE A 95 17.15 -14.21 -30.72
N SER A 96 18.29 -14.42 -30.06
CA SER A 96 19.53 -13.72 -30.32
C SER A 96 20.71 -14.70 -30.45
N THR A 97 21.49 -14.57 -31.50
CA THR A 97 22.63 -15.43 -31.69
C THR A 97 23.58 -15.23 -30.51
N GLN A 98 23.83 -13.98 -30.16
CA GLN A 98 24.69 -13.68 -29.06
C GLN A 98 24.14 -14.06 -27.69
N TYR A 99 22.90 -13.67 -27.41
CA TYR A 99 22.29 -13.91 -26.11
C TYR A 99 21.42 -15.15 -25.91
N GLY A 100 21.24 -15.97 -26.94
CA GLY A 100 20.43 -17.16 -26.80
C GLY A 100 18.98 -16.87 -27.04
N THR A 101 18.13 -17.81 -26.64
CA THR A 101 16.68 -17.66 -26.79
C THR A 101 16.05 -17.75 -25.41
N ALA A 102 14.88 -17.14 -25.27
CA ALA A 102 14.17 -17.11 -23.98
C ALA A 102 12.71 -16.79 -24.22
N GLY A 103 11.87 -17.15 -23.27
CA GLY A 103 10.43 -16.85 -23.30
C GLY A 103 9.55 -17.32 -24.45
N ILE A 104 8.42 -16.64 -24.61
CA ILE A 104 7.44 -16.98 -25.63
C ILE A 104 8.02 -16.99 -27.04
N GLU A 105 8.84 -15.99 -27.38
CA GLU A 105 9.48 -15.96 -28.72
C GLU A 105 10.07 -17.33 -29.05
N SER A 106 10.71 -17.95 -28.06
CA SER A 106 11.32 -19.28 -28.27
C SER A 106 10.31 -20.43 -28.08
N SER A 107 9.72 -20.54 -26.88
CA SER A 107 8.79 -21.64 -26.58
C SER A 107 7.60 -21.80 -27.53
N ASN A 109 7.71 -20.77 -30.72
CA ASN A 109 8.30 -20.49 -32.02
C ASN A 109 7.50 -20.97 -33.25
N GLU A 110 7.22 -22.28 -33.26
CA GLU A 110 6.47 -22.89 -34.36
C GLU A 110 5.14 -22.17 -34.58
N THR A 111 4.40 -21.93 -33.49
CA THR A 111 3.11 -21.25 -33.56
C THR A 111 3.29 -19.88 -34.16
N LEU A 112 4.34 -19.19 -33.69
CA LEU A 112 4.64 -17.83 -34.16
C LEU A 112 5.07 -17.77 -35.64
N THR A 113 5.80 -18.79 -36.11
CA THR A 113 6.23 -18.88 -37.53
C THR A 113 5.40 -18.03 -38.50
N ASP A 120 4.63 -27.99 -49.19
CA ASP A 120 5.89 -28.57 -49.64
C ASP A 120 6.42 -28.02 -50.96
N TRP A 121 5.73 -28.29 -52.08
CA TRP A 121 6.19 -27.83 -53.41
C TRP A 121 6.52 -26.32 -53.49
N ARG A 122 5.85 -25.55 -52.63
CA ARG A 122 6.00 -24.11 -52.53
C ARG A 122 7.20 -23.72 -51.67
N SER A 123 7.67 -24.63 -50.83
CA SER A 123 8.80 -24.35 -49.94
C SER A 123 10.09 -24.14 -50.72
N ALA A 124 10.21 -24.76 -51.89
CA ALA A 124 11.40 -24.60 -52.74
C ALA A 124 11.53 -23.17 -53.25
N LEU A 125 10.41 -22.45 -53.34
CA LEU A 125 10.42 -21.07 -53.80
C LEU A 125 10.41 -20.05 -52.67
N TYR A 126 11.53 -19.33 -52.47
CA TYR A 126 11.59 -18.30 -51.41
C TYR A 126 10.57 -17.21 -51.63
N SER A 127 10.38 -16.81 -52.88
CA SER A 127 9.40 -15.77 -53.24
C SER A 127 7.98 -16.06 -52.78
N ALA A 129 7.24 -17.96 -49.78
CA ALA A 129 7.14 -18.20 -48.33
C ALA A 129 6.13 -17.29 -47.63
N GLY A 130 6.17 -16.02 -47.98
CA GLY A 130 5.28 -15.06 -47.35
C GLY A 130 3.85 -15.05 -47.82
N ILE A 131 3.64 -15.34 -49.10
CA ILE A 131 2.30 -15.28 -49.69
C ILE A 131 1.33 -16.30 -49.08
N ASN A 132 1.80 -17.52 -48.87
CA ASN A 132 0.94 -18.57 -48.36
C ASN A 132 0.62 -18.43 -46.88
N THR A 133 1.65 -18.31 -46.04
CA THR A 133 1.40 -18.26 -44.60
C THR A 133 2.13 -17.22 -43.77
N THR A 134 1.34 -16.61 -42.88
CA THR A 134 1.80 -15.62 -41.91
C THR A 134 1.65 -16.33 -40.55
N GLY A 135 2.25 -15.75 -39.50
CA GLY A 135 2.20 -16.38 -38.17
C GLY A 135 0.92 -16.20 -37.37
N SER A 136 0.59 -17.19 -36.54
CA SER A 136 -0.59 -17.11 -35.68
C SER A 136 -0.14 -16.45 -34.35
N SER A 137 -0.96 -15.51 -33.88
CA SER A 137 -0.69 -14.75 -32.67
C SER A 137 -0.79 -15.56 -31.36
N VAL A 138 -0.24 -15.00 -30.29
CA VAL A 138 -0.30 -15.64 -28.98
C VAL A 138 -0.83 -14.65 -27.94
N VAL A 139 -1.89 -15.06 -27.23
CA VAL A 139 -2.49 -14.25 -26.16
C VAL A 139 -2.05 -14.86 -24.80
N LEU A 140 -1.30 -14.09 -24.05
CA LEU A 140 -0.83 -14.51 -22.74
C LEU A 140 -1.90 -14.26 -21.68
N THR A 141 -1.78 -14.94 -20.57
CA THR A 141 -2.60 -14.73 -19.38
C THR A 141 -2.18 -13.45 -18.66
N ILE A 142 -0.97 -12.97 -18.93
CA ILE A 142 -0.47 -11.75 -18.29
C ILE A 142 -1.42 -10.59 -18.53
N ASN A 143 -1.77 -9.90 -17.44
CA ASN A 143 -2.60 -8.69 -17.48
C ASN A 143 -1.67 -7.51 -17.42
N SER A 144 -1.80 -6.57 -18.36
CA SER A 144 -0.82 -5.46 -18.39
C SER A 144 -0.80 -4.51 -17.20
N GLN A 145 -1.96 -4.32 -16.56
CA GLN A 145 -2.07 -3.46 -15.40
C GLN A 145 -1.41 -4.14 -14.16
N GLN A 147 0.89 -6.38 -14.39
CA GLN A 147 2.31 -6.40 -14.77
C GLN A 147 3.02 -5.09 -14.42
N ALA A 148 2.30 -3.98 -14.63
CA ALA A 148 2.85 -2.68 -14.34
C ALA A 148 2.96 -2.48 -12.84
N VAL A 149 2.01 -3.05 -12.07
CA VAL A 149 2.06 -2.96 -10.62
C VAL A 149 3.28 -3.75 -10.11
N ALA A 150 3.52 -4.94 -10.66
CA ALA A 150 4.69 -5.79 -10.17
C ALA A 150 6.01 -5.14 -10.59
N GLU A 151 6.06 -4.62 -11.82
CA GLU A 151 7.29 -3.93 -12.28
C GLU A 151 7.60 -2.65 -11.45
N ALA A 152 6.57 -1.88 -11.11
CA ALA A 152 6.74 -0.69 -10.28
C ALA A 152 7.22 -1.08 -8.89
N ALA A 153 6.72 -2.19 -8.35
CA ALA A 153 7.11 -2.62 -7.02
C ALA A 153 8.57 -3.05 -6.87
N LEU A 154 9.22 -3.42 -7.96
CA LEU A 154 10.61 -3.86 -7.95
C LEU A 154 11.63 -2.74 -8.27
N GLN A 155 11.16 -1.58 -8.69
CA GLN A 155 12.06 -0.43 -8.99
C GLN A 155 13.02 -0.19 -7.82
N GLY A 156 14.31 -0.13 -8.12
CA GLY A 156 15.33 0.10 -7.12
C GLY A 156 15.78 -1.16 -6.42
N TYR A 157 15.29 -2.32 -6.85
CA TYR A 157 15.64 -3.59 -6.19
C TYR A 157 15.98 -4.73 -7.13
N SER A 158 16.66 -5.73 -6.61
CA SER A 158 16.91 -6.92 -7.39
C SER A 158 15.99 -7.94 -6.74
N GLY A 159 15.34 -8.73 -7.59
CA GLY A 159 14.41 -9.78 -7.16
C GLY A 159 13.34 -10.09 -8.22
N SER A 160 12.22 -10.65 -7.80
CA SER A 160 11.12 -11.04 -8.73
C SER A 160 9.82 -11.17 -8.00
N ILE A 161 8.75 -11.10 -8.81
CA ILE A 161 7.42 -11.17 -8.29
C ILE A 161 6.58 -12.01 -9.25
N VAL A 162 5.75 -12.91 -8.70
CA VAL A 162 4.74 -13.69 -9.48
C VAL A 162 3.37 -13.47 -8.81
N VAL A 163 2.35 -13.15 -9.64
CA VAL A 163 0.96 -13.04 -9.24
C VAL A 163 0.24 -14.10 -10.11
N ASP A 165 -3.36 -17.01 -10.45
CA ASP A 165 -4.70 -17.31 -10.07
C ASP A 165 -4.63 -18.63 -9.40
N PRO A 166 -5.13 -18.73 -8.16
CA PRO A 166 -5.01 -20.01 -7.47
C PRO A 166 -5.87 -21.15 -7.98
N SER A 167 -7.01 -20.84 -8.60
CA SER A 167 -7.84 -21.94 -9.07
C SER A 167 -7.31 -22.57 -10.35
N THR A 168 -6.56 -21.83 -11.16
CA THR A 168 -6.10 -22.40 -12.43
C THR A 168 -4.63 -22.49 -12.64
N GLY A 169 -3.86 -21.65 -11.95
CA GLY A 169 -2.43 -21.64 -12.14
C GLY A 169 -2.05 -20.63 -13.20
N ALA A 170 -3.00 -19.83 -13.66
CA ALA A 170 -2.69 -18.79 -14.66
C ALA A 170 -1.83 -17.70 -14.07
N VAL A 171 -0.79 -17.34 -14.79
CA VAL A 171 0.18 -16.33 -14.37
C VAL A 171 -0.27 -14.99 -14.87
N LEU A 172 -0.66 -14.14 -13.91
CA LEU A 172 -1.18 -12.82 -14.21
C LEU A 172 -0.16 -11.71 -14.30
N ALA A 173 0.95 -11.90 -13.59
CA ALA A 173 2.04 -10.97 -13.60
C ALA A 173 3.30 -11.79 -13.24
N LYS A 174 4.40 -11.47 -13.90
CA LYS A 174 5.71 -12.16 -13.78
C LYS A 174 6.77 -11.13 -14.16
N ALA A 175 7.54 -10.70 -13.15
CA ALA A 175 8.54 -9.69 -13.32
C ALA A 175 9.82 -10.04 -12.57
N SER A 176 10.96 -9.80 -13.23
CA SER A 176 12.31 -10.01 -12.70
C SER A 176 13.04 -8.69 -12.75
N SER A 177 13.93 -8.43 -11.80
CA SER A 177 14.66 -7.18 -11.73
C SER A 177 16.07 -7.45 -11.25
N PRO A 178 17.08 -6.81 -11.87
CA PRO A 178 16.97 -5.84 -12.98
C PRO A 178 16.52 -6.45 -14.30
N SER A 179 15.88 -5.63 -15.14
CA SER A 179 15.39 -6.10 -16.43
C SER A 179 16.18 -5.41 -17.51
N TYR A 180 15.64 -5.44 -18.73
CA TYR A 180 16.31 -4.90 -19.89
C TYR A 180 15.26 -4.67 -20.96
N THR A 181 15.67 -4.02 -22.03
CA THR A 181 14.81 -3.77 -23.17
C THR A 181 15.38 -4.55 -24.34
N HIS A 182 14.52 -4.88 -25.29
CA HIS A 182 14.96 -5.58 -26.49
C HIS A 182 15.99 -4.71 -27.21
N ALA A 183 15.78 -3.40 -27.16
CA ALA A 183 16.71 -2.43 -27.77
C ALA A 183 18.15 -2.65 -27.26
N GLU A 184 18.33 -2.84 -25.95
CA GLU A 184 19.66 -3.07 -25.38
C GLU A 184 20.29 -4.39 -25.81
N LEU A 185 19.51 -5.30 -26.38
CA LEU A 185 20.08 -6.55 -26.85
C LEU A 185 21.00 -6.31 -28.04
N GLY A 186 20.86 -5.17 -28.69
CA GLY A 186 21.74 -4.83 -29.80
C GLY A 186 22.93 -3.98 -29.33
N THR A 187 23.49 -4.27 -28.15
CA THR A 187 24.64 -3.48 -27.62
C THR A 187 25.74 -4.31 -26.98
N SER A 195 23.42 -10.69 -15.34
CA SER A 195 22.52 -10.39 -14.27
C SER A 195 21.14 -10.04 -14.82
N GLN A 196 21.06 -8.97 -15.62
CA GLN A 196 19.77 -8.52 -16.19
C GLN A 196 19.02 -9.58 -16.96
N LEU A 197 19.73 -10.39 -17.71
CA LEU A 197 19.13 -11.40 -18.55
C LEU A 197 18.55 -12.59 -17.78
N VAL A 198 19.03 -12.85 -16.56
CA VAL A 198 18.49 -13.92 -15.77
C VAL A 198 17.03 -13.71 -15.40
N ASP A 199 16.18 -14.72 -15.57
CA ASP A 199 14.77 -14.57 -15.16
C ASP A 199 14.66 -15.08 -13.76
N ARG A 200 14.68 -14.16 -12.79
CA ARG A 200 14.63 -14.51 -11.39
C ARG A 200 13.31 -15.09 -10.92
N THR A 201 12.30 -15.22 -11.79
CA THR A 201 11.08 -15.82 -11.33
C THR A 201 11.16 -17.32 -11.52
N THR A 202 11.84 -17.79 -12.58
CA THR A 202 11.83 -19.21 -12.86
C THR A 202 13.16 -19.91 -13.12
N GLN A 203 14.21 -19.17 -13.37
CA GLN A 203 15.49 -19.78 -13.69
C GLN A 203 16.60 -19.39 -12.74
N ALA A 204 16.22 -18.99 -11.52
CA ALA A 204 17.17 -18.69 -10.47
C ALA A 204 16.69 -19.48 -9.27
N LEU A 205 17.62 -20.10 -8.54
CA LEU A 205 17.35 -20.88 -7.32
C LEU A 205 17.81 -20.12 -6.07
N TYR A 206 16.99 -20.16 -5.03
CA TYR A 206 17.28 -19.49 -3.75
C TYR A 206 16.97 -20.39 -2.58
N SER A 207 17.68 -20.20 -1.47
CA SER A 207 17.27 -20.86 -0.25
C SER A 207 15.96 -20.12 0.12
N PRO A 208 14.84 -20.85 0.32
CA PRO A 208 13.57 -20.18 0.63
C PRO A 208 13.51 -19.63 2.01
N GLY A 209 14.40 -20.13 2.86
CA GLY A 209 14.36 -19.69 4.25
C GLY A 209 13.07 -20.10 4.93
N SER A 210 12.63 -19.24 5.83
CA SER A 210 11.47 -19.53 6.60
C SER A 210 10.17 -19.58 5.80
N SER A 211 10.18 -19.10 4.55
CA SER A 211 9.00 -19.26 3.69
C SER A 211 8.65 -20.75 3.54
N PHE A 212 9.66 -21.63 3.53
CA PHE A 212 9.49 -23.05 3.41
C PHE A 212 8.72 -23.68 4.54
N LYS A 213 8.64 -23.02 5.70
CA LYS A 213 7.91 -23.58 6.80
C LYS A 213 6.46 -23.89 6.45
N THR A 214 5.95 -23.20 5.45
CA THR A 214 4.62 -23.51 5.00
C THR A 214 4.53 -24.97 4.67
N VAL A 215 5.50 -25.50 3.95
CA VAL A 215 5.50 -26.94 3.57
C VAL A 215 5.64 -27.83 4.82
N THR A 216 6.58 -27.49 5.71
CA THR A 216 6.71 -28.29 6.93
C THR A 216 5.41 -28.36 7.77
N LEU A 217 4.76 -27.19 7.93
CA LEU A 217 3.55 -27.10 8.69
C LEU A 217 2.46 -27.94 8.01
N ALA A 218 2.35 -27.80 6.70
CA ALA A 218 1.31 -28.55 5.94
C ALA A 218 1.51 -30.06 6.07
N ALA A 219 2.73 -30.49 5.88
CA ALA A 219 3.10 -31.89 6.06
C ALA A 219 2.78 -32.38 7.48
N GLY A 220 3.09 -31.55 8.48
CA GLY A 220 2.84 -31.95 9.86
C GLY A 220 1.37 -32.12 10.20
N ILE A 221 0.54 -31.22 9.69
CA ILE A 221 -0.86 -31.30 9.96
C ILE A 221 -1.41 -32.45 9.13
N ASP A 222 -0.99 -32.57 7.89
CA ASP A 222 -1.61 -33.60 6.99
C ASP A 222 -1.35 -35.05 7.42
N THR A 223 -0.23 -35.29 8.07
CA THR A 223 0.06 -36.61 8.55
C THR A 223 -0.51 -36.85 9.96
N HIS A 224 -1.28 -35.89 10.46
CA HIS A 224 -1.89 -35.94 11.76
C HIS A 224 -0.85 -36.14 12.88
N LYS A 225 0.26 -35.43 12.79
CA LYS A 225 1.31 -35.50 13.82
C LYS A 225 1.36 -34.29 14.71
N THR A 226 0.60 -33.26 14.38
CA THR A 226 0.56 -32.07 15.20
C THR A 226 -0.67 -31.27 14.77
N THR A 227 -0.97 -30.24 15.56
CA THR A 227 -2.07 -29.33 15.33
C THR A 227 -1.58 -27.92 15.56
N LEU A 228 -2.37 -26.93 15.14
CA LEU A 228 -2.03 -25.54 15.39
C LEU A 228 -1.99 -25.14 16.87
N ASP A 229 -2.73 -25.82 17.75
CA ASP A 229 -2.76 -25.48 19.17
C ASP A 229 -1.80 -26.36 19.97
N THR A 230 -1.09 -27.24 19.29
CA THR A 230 -0.09 -28.09 19.93
C THR A 230 1.08 -27.18 20.37
N THR A 231 1.60 -27.35 21.58
CA THR A 231 2.69 -26.47 21.99
C THR A 231 4.07 -27.04 21.74
N TYR A 232 5.02 -26.11 21.59
CA TYR A 232 6.41 -26.45 21.35
C TYR A 232 7.34 -25.50 22.09
N SER A 233 8.47 -26.04 22.53
N SER A 233 8.47 -26.04 22.53
CA SER A 233 9.48 -25.23 23.18
CA SER A 233 9.48 -25.23 23.18
C SER A 233 10.17 -24.51 22.02
C SER A 233 10.17 -24.51 22.02
N ALA A 234 10.40 -23.22 22.18
CA ALA A 234 11.03 -22.41 21.13
C ALA A 234 12.16 -21.54 21.74
N PRO A 235 13.21 -22.18 22.26
CA PRO A 235 14.31 -21.41 22.83
C PRO A 235 15.16 -20.73 21.73
N GLY A 236 16.00 -19.79 22.17
CA GLY A 236 16.88 -19.07 21.25
C GLY A 236 17.83 -20.01 20.53
N THR A 237 18.22 -21.08 21.23
CA THR A 237 19.16 -22.03 20.70
C THR A 237 18.85 -23.42 21.21
N GLU A 239 20.12 -27.84 20.57
CA GLU A 239 20.91 -28.85 19.90
C GLU A 239 20.04 -29.91 19.25
N ILE A 240 20.29 -30.17 17.96
CA ILE A 240 19.56 -31.18 17.22
C ILE A 240 20.48 -31.89 16.26
N GLY A 241 20.51 -33.22 16.34
CA GLY A 241 21.36 -34.02 15.47
C GLY A 241 22.83 -33.68 15.67
N GLY A 242 23.18 -33.24 16.87
CA GLY A 242 24.58 -32.92 17.17
C GLY A 242 25.05 -31.66 16.49
N GLY A 243 24.10 -30.80 16.21
CA GLY A 243 24.35 -29.52 15.61
C GLY A 243 23.40 -28.62 16.34
N THR A 244 23.54 -27.32 16.13
CA THR A 244 22.72 -26.35 16.79
C THR A 244 21.78 -25.68 15.80
N ILE A 245 20.59 -25.34 16.27
CA ILE A 245 19.60 -24.62 15.50
C ILE A 245 19.32 -23.41 16.33
N HIS A 246 19.06 -22.29 15.70
CA HIS A 246 18.81 -21.09 16.45
C HIS A 246 17.66 -20.28 15.85
N ASN A 247 16.91 -19.60 16.71
CA ASN A 247 15.88 -18.69 16.27
C ASN A 247 16.59 -17.46 15.80
N TYR A 248 15.92 -16.67 14.98
CA TYR A 248 16.45 -15.40 14.50
C TYR A 248 16.79 -14.52 15.71
N ALA A 249 17.92 -13.83 15.66
CA ALA A 249 18.40 -13.00 16.78
C ALA A 249 18.50 -13.79 18.10
N ASN A 250 18.67 -15.12 18.02
CA ASN A 250 18.70 -15.98 19.22
C ASN A 250 17.60 -15.69 20.25
N GLU A 251 16.42 -15.31 19.76
CA GLU A 251 15.29 -14.98 20.63
C GLU A 251 14.61 -16.19 21.28
N ASP A 252 14.58 -16.21 22.61
CA ASP A 252 13.93 -17.27 23.36
C ASP A 252 12.44 -16.86 23.40
N GLY A 254 10.05 -19.18 24.71
CA GLY A 254 9.43 -20.03 25.72
C GLY A 254 8.72 -21.20 25.07
N THR A 255 7.63 -21.63 25.70
CA THR A 255 6.80 -22.71 25.17
C THR A 255 5.64 -21.97 24.51
N ILE A 256 5.33 -22.28 23.25
CA ILE A 256 4.23 -21.56 22.59
C ILE A 256 3.44 -22.47 21.61
N PRO A 257 2.20 -22.11 21.31
CA PRO A 257 1.49 -22.96 20.33
C PRO A 257 2.09 -22.91 18.96
N LEU A 258 1.92 -23.97 18.19
CA LEU A 258 2.42 -24.04 16.85
C LEU A 258 1.92 -22.88 15.99
N ARG A 259 0.69 -22.43 16.18
CA ARG A 259 0.26 -21.31 15.33
C ARG A 259 1.09 -20.03 15.61
N GLU A 260 1.59 -19.88 16.84
CA GLU A 260 2.37 -18.69 17.21
C GLU A 260 3.81 -18.87 16.77
N ALA A 261 4.31 -20.09 16.86
CA ALA A 261 5.62 -20.37 16.38
C ALA A 261 5.67 -20.12 14.88
N PHE A 262 4.59 -20.41 14.17
CA PHE A 262 4.57 -20.15 12.73
C PHE A 262 4.53 -18.64 12.50
N ALA A 263 3.62 -17.95 13.17
CA ALA A 263 3.44 -16.50 13.00
C ALA A 263 4.68 -15.69 13.33
N ARG A 264 5.42 -16.10 14.35
CA ARG A 264 6.63 -15.35 14.71
C ARG A 264 7.84 -15.97 14.08
N SER A 265 7.62 -17.06 13.32
CA SER A 265 8.62 -17.79 12.60
C SER A 265 9.82 -18.31 13.46
N SER A 266 9.54 -19.20 14.40
CA SER A 266 10.60 -19.82 15.24
C SER A 266 11.21 -21.02 14.59
N ASN A 267 12.50 -20.93 14.28
CA ASN A 267 13.22 -22.06 13.74
C ASN A 267 13.32 -23.24 14.67
N THR A 268 13.54 -22.97 15.96
CA THR A 268 13.74 -24.08 16.89
C THR A 268 12.48 -24.91 17.00
N ALA A 269 11.33 -24.25 16.98
CA ALA A 269 10.06 -24.96 17.05
C ALA A 269 9.80 -25.73 15.79
N LEU A 270 9.92 -25.09 14.63
CA LEU A 270 9.63 -25.78 13.33
C LEU A 270 10.64 -26.84 13.00
N ALA A 271 11.90 -26.69 13.42
CA ALA A 271 12.89 -27.77 13.22
C ALA A 271 12.41 -29.07 13.93
N GLN A 272 11.83 -28.92 15.11
CA GLN A 272 11.31 -30.07 15.86
C GLN A 272 10.21 -30.76 15.11
N LEU A 273 9.35 -29.99 14.44
CA LEU A 273 8.33 -30.62 13.65
C LEU A 273 8.94 -31.38 12.49
N GLY A 274 9.98 -30.81 11.86
CA GLY A 274 10.62 -31.44 10.72
C GLY A 274 11.27 -32.74 11.16
N VAL A 275 11.94 -32.71 12.30
CA VAL A 275 12.54 -33.93 12.85
C VAL A 275 11.44 -34.95 13.12
N ALA A 276 10.27 -34.52 13.61
CA ALA A 276 9.21 -35.47 13.90
C ALA A 276 8.61 -36.08 12.64
N LEU A 277 8.58 -35.31 11.57
CA LEU A 277 8.04 -35.83 10.33
C LEU A 277 9.05 -36.78 9.67
N GLY A 278 10.32 -36.42 9.76
CA GLY A 278 11.35 -37.22 9.07
C GLY A 278 11.57 -36.85 7.60
N ALA A 279 12.66 -37.38 7.04
CA ALA A 279 13.09 -37.03 5.69
C ALA A 279 12.17 -37.53 4.61
N ASP A 280 11.72 -38.76 4.71
CA ASP A 280 10.83 -39.27 3.66
C ASP A 280 9.60 -38.38 3.53
N ASN A 281 8.96 -38.12 4.67
CA ASN A 281 7.78 -37.26 4.71
C ASN A 281 8.04 -35.88 4.21
N LEU A 282 9.02 -35.22 4.79
CA LEU A 282 9.34 -33.88 4.32
C LEU A 282 9.55 -33.77 2.80
N VAL A 283 10.34 -34.70 2.26
CA VAL A 283 10.62 -34.72 0.84
C VAL A 283 9.41 -35.06 0.01
N SER A 284 8.67 -36.03 0.50
CA SER A 284 7.50 -36.46 -0.19
C SER A 284 6.52 -35.30 -0.33
N TYR A 285 6.33 -34.51 0.73
CA TYR A 285 5.39 -33.38 0.66
C TYR A 285 5.90 -32.26 -0.21
N ALA A 286 7.19 -31.95 -0.11
CA ALA A 286 7.82 -30.96 -0.98
C ALA A 286 7.60 -31.34 -2.46
N ARG A 287 7.85 -32.61 -2.78
CA ARG A 287 7.63 -33.06 -4.14
C ARG A 287 6.18 -33.00 -4.52
N ALA A 288 5.27 -33.33 -3.58
CA ALA A 288 3.83 -33.22 -3.89
C ALA A 288 3.42 -31.81 -4.25
N PHE A 289 4.08 -30.81 -3.67
CA PHE A 289 3.85 -29.37 -4.03
C PHE A 289 4.55 -28.93 -5.32
N GLY A 290 5.36 -29.81 -5.93
CA GLY A 290 6.05 -29.51 -7.20
C GLY A 290 7.57 -29.63 -7.22
N TYR A 291 8.24 -29.78 -6.06
CA TYR A 291 9.67 -29.92 -6.12
C TYR A 291 9.96 -31.07 -7.05
N GLY A 292 11.04 -30.96 -7.82
CA GLY A 292 11.47 -31.99 -8.77
C GLY A 292 10.78 -31.83 -10.16
N THR A 293 9.76 -31.01 -10.28
CA THR A 293 9.04 -30.80 -11.56
C THR A 293 9.44 -29.49 -12.23
N ALA A 294 9.59 -29.48 -13.56
CA ALA A 294 9.90 -28.26 -14.27
C ALA A 294 8.53 -27.67 -14.50
N LEU A 295 8.08 -26.85 -13.55
CA LEU A 295 6.76 -26.19 -13.54
C LEU A 295 6.52 -25.38 -14.81
N GLY A 296 5.29 -25.36 -15.26
CA GLY A 296 4.95 -24.54 -16.41
C GLY A 296 4.51 -25.35 -17.62
N GLN A 297 3.26 -25.17 -18.02
CA GLN A 297 2.76 -25.89 -19.20
C GLN A 297 3.36 -25.39 -20.51
N ASP A 298 3.74 -24.12 -20.54
CA ASP A 298 4.17 -23.45 -21.75
C ASP A 298 5.28 -22.43 -21.51
N PHE A 299 6.09 -22.69 -20.48
CA PHE A 299 7.25 -21.86 -20.14
C PHE A 299 8.16 -22.76 -19.28
N SER A 300 9.44 -22.45 -19.32
CA SER A 300 10.48 -23.21 -18.62
C SER A 300 10.76 -22.71 -17.26
N THR A 301 10.81 -23.64 -16.31
CA THR A 301 11.16 -23.29 -14.96
C THR A 301 12.19 -24.33 -14.49
N THR A 302 13.26 -23.90 -13.84
CA THR A 302 14.18 -24.92 -13.31
C THR A 302 13.54 -25.61 -12.10
N PRO A 303 13.68 -26.94 -11.97
CA PRO A 303 13.06 -27.60 -10.79
C PRO A 303 13.63 -27.20 -9.43
N SER A 304 12.76 -27.09 -8.45
CA SER A 304 13.13 -26.80 -7.09
C SER A 304 13.62 -28.17 -6.63
N LEU A 305 14.58 -28.14 -5.74
CA LEU A 305 15.30 -29.34 -5.37
C LEU A 305 15.28 -29.69 -3.93
N PRO A 307 16.95 -32.97 -1.32
CA PRO A 307 17.86 -34.09 -1.43
C PRO A 307 17.17 -35.41 -1.60
N ASN A 308 18.01 -36.45 -1.63
CA ASN A 308 17.55 -37.81 -1.57
C ASN A 308 17.35 -38.01 -0.03
N PRO A 309 16.10 -38.28 0.37
CA PRO A 309 15.89 -38.40 1.80
C PRO A 309 16.79 -39.45 2.43
N ALA A 310 17.11 -40.52 1.70
CA ALA A 310 17.97 -41.54 2.29
C ALA A 310 19.34 -41.00 2.66
N GLU A 311 19.72 -39.82 2.13
CA GLU A 311 21.04 -39.24 2.36
C GLU A 311 21.08 -38.13 3.37
N THR A 313 20.85 -36.00 6.96
CA THR A 313 21.16 -36.28 8.38
C THR A 313 20.09 -35.59 9.19
N THR A 314 20.06 -35.87 10.48
CA THR A 314 19.05 -35.31 11.36
C THR A 314 19.20 -33.80 11.47
N TRP A 315 20.42 -33.31 11.58
CA TRP A 315 20.69 -31.88 11.65
C TRP A 315 20.34 -31.22 10.30
N GLU A 316 20.71 -31.87 9.20
CA GLU A 316 20.39 -31.35 7.87
C GLU A 316 18.85 -31.18 7.83
N LEU A 317 18.14 -32.24 8.17
CA LEU A 317 16.69 -32.29 8.20
C LEU A 317 16.12 -31.15 8.99
N ALA A 318 16.68 -30.93 10.18
CA ALA A 318 16.22 -29.84 10.99
C ALA A 318 16.25 -28.51 10.23
N TRP A 319 17.39 -28.18 9.59
CA TRP A 319 17.52 -26.92 8.87
C TRP A 319 16.67 -26.89 7.61
N ALA A 320 16.58 -28.00 6.91
CA ALA A 320 15.78 -28.06 5.70
C ALA A 320 14.33 -27.74 6.05
N SER A 321 13.89 -28.11 7.25
CA SER A 321 12.48 -27.84 7.56
C SER A 321 12.20 -26.37 7.83
N CYS A 322 13.26 -25.56 7.99
CA CYS A 322 13.21 -24.12 8.18
C CYS A 322 13.66 -23.39 6.89
N GLY A 323 13.83 -24.15 5.81
CA GLY A 323 14.17 -23.59 4.50
C GLY A 323 15.61 -23.32 4.14
N LEU A 324 16.55 -23.84 4.96
CA LEU A 324 17.98 -23.71 4.73
C LEU A 324 18.65 -25.00 4.32
N PRO A 325 19.22 -25.04 3.10
CA PRO A 325 19.91 -26.19 2.59
C PRO A 325 21.35 -26.25 3.17
N VAL A 326 21.63 -27.26 4.00
CA VAL A 326 22.98 -27.41 4.57
C VAL A 326 23.59 -28.79 4.36
N GLY A 327 22.95 -29.64 3.59
CA GLY A 327 23.44 -30.98 3.38
C GLY A 327 24.69 -31.13 2.52
N GLU A 328 25.39 -32.27 2.70
CA GLU A 328 26.58 -32.63 1.93
C GLU A 328 26.53 -34.11 1.63
N HIS A 329 26.27 -34.41 0.37
CA HIS A 329 26.09 -35.74 -0.12
C HIS A 329 26.00 -35.62 -1.62
N ALA A 330 25.88 -36.74 -2.33
CA ALA A 330 25.84 -36.73 -3.78
C ALA A 330 24.64 -35.97 -4.35
N SER A 331 23.49 -36.06 -3.67
CA SER A 331 22.24 -35.41 -4.12
C SER A 331 22.27 -33.92 -3.80
N PRO A 332 21.43 -33.11 -4.50
CA PRO A 332 21.51 -31.70 -4.18
C PRO A 332 21.15 -31.40 -2.72
N ALA A 333 21.76 -30.39 -2.13
CA ALA A 333 21.32 -29.95 -0.81
C ALA A 333 19.94 -29.26 -1.08
N GLY A 334 19.12 -29.09 -0.04
CA GLY A 334 17.81 -28.44 -0.23
C GLY A 334 17.11 -28.10 1.06
N PRO A 335 16.00 -27.36 0.99
CA PRO A 335 15.41 -26.86 -0.30
C PRO A 335 16.12 -25.71 -1.04
N GLN A 336 16.03 -25.78 -2.38
CA GLN A 336 16.49 -24.75 -3.30
C GLN A 336 15.22 -24.47 -4.15
N THR A 337 14.75 -23.23 -4.14
CA THR A 337 13.46 -22.91 -4.79
C THR A 337 13.49 -21.80 -5.74
N THR A 338 12.50 -21.81 -6.64
CA THR A 338 12.27 -20.69 -7.50
C THR A 338 11.13 -19.93 -6.86
N VAL A 339 10.97 -18.67 -7.30
CA VAL A 339 9.87 -17.81 -6.86
C VAL A 339 8.53 -18.42 -7.39
N GLN A 341 7.85 -21.67 -7.91
CA GLN A 341 7.54 -22.77 -6.98
C GLN A 341 6.90 -22.23 -5.72
N ASN A 342 7.38 -21.10 -5.20
CA ASN A 342 6.80 -20.56 -4.00
C ASN A 342 5.33 -20.09 -4.32
N ALA A 343 5.14 -19.52 -5.48
CA ALA A 343 3.76 -19.16 -5.82
C ALA A 343 2.87 -20.41 -5.83
N VAL A 344 3.36 -21.50 -6.46
CA VAL A 344 2.59 -22.74 -6.62
C VAL A 344 2.17 -23.33 -5.31
N ILE A 345 3.01 -23.21 -4.30
CA ILE A 345 2.70 -23.66 -3.00
C ILE A 345 1.61 -22.81 -2.37
N ALA A 346 1.73 -21.49 -2.46
CA ALA A 346 0.69 -20.58 -1.87
C ALA A 346 -0.63 -20.86 -2.59
N ALA A 347 -0.56 -21.07 -3.89
CA ALA A 347 -1.83 -21.33 -4.69
C ALA A 347 -2.54 -22.57 -4.22
N ALA A 348 -1.78 -23.65 -4.03
CA ALA A 348 -2.31 -24.91 -3.59
C ALA A 348 -3.01 -24.79 -2.25
N ILE A 349 -2.35 -24.13 -1.28
CA ILE A 349 -2.96 -23.91 0.00
C ILE A 349 -4.25 -23.04 -0.15
N ALA A 350 -4.20 -22.01 -0.97
CA ALA A 350 -5.39 -21.18 -1.24
C ALA A 350 -6.44 -21.97 -2.02
N ASN A 351 -6.00 -22.97 -2.75
CA ASN A 351 -6.91 -23.80 -3.60
C ASN A 351 -7.33 -25.17 -3.01
N GLY A 352 -7.48 -25.25 -1.70
CA GLY A 352 -7.93 -26.47 -1.04
C GLY A 352 -7.05 -27.67 -1.12
N GLY A 353 -5.75 -27.41 -1.32
CA GLY A 353 -4.72 -28.46 -1.43
C GLY A 353 -4.46 -28.96 -2.84
N VAL A 354 -5.16 -28.42 -3.84
CA VAL A 354 -4.96 -28.86 -5.21
C VAL A 354 -3.92 -27.99 -5.94
N VAL A 355 -2.84 -28.63 -6.39
CA VAL A 355 -1.72 -28.02 -7.03
C VAL A 355 -1.96 -27.92 -8.51
N ASN A 357 -0.51 -26.79 -12.33
CA ASN A 357 0.66 -26.54 -13.14
C ASN A 357 0.49 -25.18 -13.80
N PRO A 358 1.33 -24.23 -13.40
CA PRO A 358 1.12 -22.91 -13.96
C PRO A 358 1.28 -22.80 -15.45
N TYR A 359 0.68 -21.75 -16.02
CA TYR A 359 0.73 -21.53 -17.45
C TYR A 359 0.66 -20.07 -17.76
N ILE A 360 1.22 -19.69 -18.90
CA ILE A 360 1.24 -18.32 -19.29
C ILE A 360 0.57 -17.95 -20.62
N VAL A 361 0.14 -18.95 -21.38
CA VAL A 361 -0.54 -18.71 -22.65
C VAL A 361 -2.02 -18.99 -22.47
N ASP A 362 -2.88 -18.01 -22.72
CA ASP A 362 -4.31 -18.22 -22.62
C ASP A 362 -4.87 -18.89 -23.88
N ARG A 363 -4.49 -18.37 -25.05
CA ARG A 363 -4.97 -18.88 -26.34
C ARG A 363 -4.16 -18.40 -27.58
N VAL A 364 -4.21 -19.21 -28.65
CA VAL A 364 -3.53 -18.92 -29.90
C VAL A 364 -4.56 -18.42 -30.88
N LEU A 365 -4.27 -17.31 -31.56
CA LEU A 365 -5.16 -16.71 -32.54
C LEU A 365 -4.62 -16.88 -33.97
N SER A 366 -5.53 -17.11 -34.91
CA SER A 366 -5.16 -17.28 -36.30
C SER A 366 -4.82 -15.91 -36.86
N PRO A 367 -4.01 -15.89 -37.92
CA PRO A 367 -3.72 -14.58 -38.49
C PRO A 367 -5.04 -13.82 -38.71
N GLU A 368 -6.14 -14.58 -38.84
CA GLU A 368 -7.47 -14.03 -39.01
C GLU A 368 -7.94 -13.61 -37.62
N ALA A 370 -9.60 -15.24 -35.22
CA ALA A 370 -10.21 -16.51 -34.88
C ALA A 370 -9.34 -17.36 -33.93
N VAL A 371 -9.97 -17.86 -32.86
CA VAL A 371 -9.31 -18.69 -31.84
C VAL A 371 -8.96 -20.08 -32.38
N VAL A 372 -7.67 -20.40 -32.42
CA VAL A 372 -7.18 -21.69 -32.89
C VAL A 372 -7.17 -22.71 -31.75
N SER A 373 -6.73 -22.30 -30.57
CA SER A 373 -6.74 -23.19 -29.39
C SER A 373 -6.78 -22.40 -28.09
N THR A 374 -7.20 -23.11 -27.05
CA THR A 374 -7.32 -22.54 -25.73
C THR A 374 -6.63 -23.47 -24.79
N THR A 375 -5.80 -22.89 -23.92
CA THR A 375 -5.08 -23.69 -22.95
C THR A 375 -6.06 -24.19 -21.92
N SER A 376 -5.84 -25.40 -21.41
CA SER A 376 -6.68 -25.91 -20.38
C SER A 376 -5.87 -26.06 -19.10
N PRO A 377 -6.43 -25.62 -17.97
CA PRO A 377 -5.76 -25.77 -16.68
C PRO A 377 -5.53 -27.23 -16.36
N LYS A 378 -4.43 -27.58 -15.68
CA LYS A 378 -4.14 -28.94 -15.34
C LYS A 378 -3.60 -29.03 -13.92
N SER A 379 -3.98 -30.08 -13.20
CA SER A 379 -3.55 -30.29 -11.83
C SER A 379 -2.35 -31.20 -11.74
N LEU A 380 -1.50 -30.97 -10.73
CA LEU A 380 -0.34 -31.82 -10.46
C LEU A 380 -0.67 -32.73 -9.31
N GLY A 381 -1.91 -32.69 -8.86
CA GLY A 381 -2.39 -33.61 -7.83
C GLY A 381 -2.81 -32.85 -6.61
N GLN A 382 -3.14 -33.58 -5.55
CA GLN A 382 -3.53 -32.98 -4.32
C GLN A 382 -2.43 -33.25 -3.30
N ALA A 383 -1.74 -32.21 -2.91
CA ALA A 383 -0.61 -32.34 -2.01
C ALA A 383 -1.02 -32.61 -0.57
N VAL A 384 -2.09 -31.98 -0.11
CA VAL A 384 -2.62 -32.13 1.22
C VAL A 384 -4.12 -32.05 1.10
N SER A 385 -4.81 -32.54 2.12
CA SER A 385 -6.27 -32.49 2.17
C SER A 385 -6.80 -31.09 2.31
N ALA A 386 -8.05 -30.90 1.93
CA ALA A 386 -8.70 -29.60 2.10
C ALA A 386 -8.68 -29.16 3.58
N ASP A 387 -8.98 -30.08 4.48
CA ASP A 387 -8.93 -29.78 5.92
C ASP A 387 -7.55 -29.21 6.30
N THR A 388 -6.49 -29.83 5.81
CA THR A 388 -5.13 -29.34 6.05
C THR A 388 -4.93 -27.98 5.45
N ALA A 389 -5.39 -27.78 4.18
CA ALA A 389 -5.26 -26.51 3.52
C ALA A 389 -5.92 -25.37 4.32
N ALA A 390 -7.11 -25.59 4.83
CA ALA A 390 -7.79 -24.57 5.67
C ALA A 390 -6.96 -24.26 6.97
N GLN A 391 -6.37 -25.27 7.60
CA GLN A 391 -5.49 -25.01 8.79
C GLN A 391 -4.29 -24.16 8.46
N VAL A 392 -3.61 -24.45 7.33
CA VAL A 392 -2.47 -23.68 6.90
C VAL A 392 -2.92 -22.26 6.48
N ARG A 393 -4.06 -22.10 5.76
CA ARG A 393 -4.52 -20.77 5.51
C ARG A 393 -4.70 -19.95 6.83
N GLU A 394 -5.35 -20.53 7.83
CA GLU A 394 -5.53 -19.86 9.10
C GLU A 394 -4.20 -19.49 9.77
N ALA A 395 -3.21 -20.34 9.67
CA ALA A 395 -1.89 -20.07 10.29
C ALA A 395 -1.25 -18.91 9.54
N LEU A 397 -2.87 -16.49 8.05
CA LEU A 397 -3.54 -15.27 8.43
C LEU A 397 -2.86 -14.71 9.73
N GLY A 398 -2.50 -15.58 10.66
CA GLY A 398 -1.83 -15.15 11.91
C GLY A 398 -0.53 -14.44 11.65
N VAL A 399 0.25 -14.94 10.69
CA VAL A 399 1.52 -14.34 10.30
C VAL A 399 1.42 -12.84 10.02
N VAL A 400 0.43 -12.50 9.20
CA VAL A 400 0.16 -11.16 8.78
C VAL A 400 -0.60 -10.32 9.80
N GLU A 401 -1.55 -10.93 10.53
CA GLU A 401 -2.37 -10.20 11.51
C GLU A 401 -1.59 -9.93 12.83
N SER A 402 -0.70 -10.83 13.26
CA SER A 402 -0.02 -10.63 14.54
C SER A 402 1.45 -11.05 14.54
N GLY A 403 1.97 -11.52 13.40
CA GLY A 403 3.36 -11.99 13.30
C GLY A 403 4.38 -11.17 12.54
N THR A 404 5.20 -11.87 11.80
CA THR A 404 6.24 -11.27 11.06
C THR A 404 5.74 -10.65 9.73
N GLY A 405 4.49 -10.89 9.37
CA GLY A 405 4.00 -10.33 8.08
C GLY A 405 3.08 -9.14 8.23
N GLY A 407 3.54 -6.11 8.02
CA GLY A 407 3.81 -5.14 6.98
C GLY A 407 3.02 -5.43 5.68
N ALA A 408 2.42 -6.61 5.56
CA ALA A 408 1.65 -6.94 4.37
C ALA A 408 0.20 -6.52 4.50
N ARG A 409 -0.20 -6.06 5.69
CA ARG A 409 -1.58 -5.67 5.88
C ARG A 409 -1.96 -4.45 5.00
N VAL A 410 -3.18 -4.51 4.52
CA VAL A 410 -3.74 -3.46 3.68
C VAL A 410 -5.11 -3.14 4.32
N PRO A 411 -5.36 -1.90 4.69
CA PRO A 411 -6.65 -1.60 5.29
C PRO A 411 -7.82 -1.96 4.34
N GLY A 412 -8.83 -2.57 4.89
CA GLY A 412 -10.03 -2.93 4.14
C GLY A 412 -10.03 -4.26 3.43
N VAL A 413 -8.99 -5.07 3.63
CA VAL A 413 -8.88 -6.36 2.97
C VAL A 413 -8.01 -7.30 3.81
N LYS A 414 -8.45 -8.54 3.93
CA LYS A 414 -7.72 -9.51 4.70
C LYS A 414 -6.74 -10.24 3.82
N ILE A 415 -5.48 -10.12 4.20
CA ILE A 415 -4.35 -10.77 3.53
C ILE A 415 -3.69 -11.80 4.48
N ALA A 416 -3.27 -12.94 3.91
CA ALA A 416 -2.62 -14.03 4.65
C ALA A 416 -1.40 -14.41 3.87
N GLY A 417 -0.35 -14.82 4.58
CA GLY A 417 0.83 -15.25 3.90
C GLY A 417 1.93 -15.80 4.80
N LYS A 418 3.11 -15.95 4.24
CA LYS A 418 4.24 -16.40 5.05
C LYS A 418 5.45 -15.68 4.55
N THR A 419 6.18 -15.10 5.50
CA THR A 419 7.35 -14.37 5.20
C THR A 419 8.52 -15.30 5.19
N GLY A 420 9.64 -14.83 4.70
CA GLY A 420 10.83 -15.66 4.65
C GLY A 420 12.10 -14.84 4.79
N THR A 421 13.03 -15.38 5.55
CA THR A 421 14.33 -14.76 5.67
C THR A 421 15.35 -15.92 5.62
N ALA A 422 16.47 -15.69 4.98
CA ALA A 422 17.50 -16.68 4.87
C ALA A 422 18.54 -16.53 6.01
N ASP A 423 19.75 -17.05 5.80
CA ASP A 423 20.82 -16.99 6.82
C ASP A 423 21.57 -15.64 6.81
N VAL A 424 21.12 -14.71 7.65
CA VAL A 424 21.75 -13.39 7.78
C VAL A 424 23.14 -13.51 8.39
N ASN A 426 25.85 -15.41 7.76
CA ASN A 426 26.45 -16.16 6.67
C ASN A 426 26.54 -15.33 5.36
N GLY A 427 25.89 -14.17 5.31
CA GLY A 427 25.99 -13.30 4.11
C GLY A 427 24.70 -12.79 3.47
N ASN A 428 23.80 -13.71 3.10
CA ASN A 428 22.56 -13.31 2.42
C ASN A 428 21.43 -12.75 3.31
N PHE A 429 20.92 -11.60 2.88
CA PHE A 429 19.83 -10.98 3.55
C PHE A 429 18.69 -10.87 2.52
N ASN A 430 18.28 -11.97 1.91
CA ASN A 430 17.11 -11.98 0.96
C ASN A 430 15.81 -12.02 1.78
N SER A 431 14.76 -11.33 1.31
CA SER A 431 13.46 -11.24 1.95
C SER A 431 12.40 -11.87 1.03
N PHE A 432 11.60 -12.76 1.56
CA PHE A 432 10.59 -13.49 0.77
C PHE A 432 9.21 -13.25 1.33
N PHE A 433 8.19 -13.44 0.48
CA PHE A 433 6.85 -13.41 0.96
C PHE A 433 5.99 -14.15 -0.04
N ILE A 434 5.15 -15.04 0.48
CA ILE A 434 4.11 -15.75 -0.31
C ILE A 434 2.78 -15.45 0.36
N GLY A 435 1.74 -15.23 -0.42
CA GLY A 435 0.48 -14.90 0.20
C GLY A 435 -0.64 -14.95 -0.78
N PHE A 436 -1.83 -14.68 -0.24
CA PHE A 436 -3.06 -14.71 -1.02
C PHE A 436 -4.11 -13.79 -0.44
N ALA A 437 -5.13 -13.46 -1.24
CA ALA A 437 -6.12 -12.57 -0.78
C ALA A 437 -7.31 -12.62 -1.81
N PRO A 438 -8.53 -12.35 -1.36
CA PRO A 438 -8.85 -12.10 0.07
C PRO A 438 -8.83 -13.43 0.82
N TYR A 439 -8.64 -13.40 2.12
CA TYR A 439 -8.56 -14.62 2.95
C TYR A 439 -9.71 -15.61 2.69
N ASP A 440 -10.94 -15.14 2.81
CA ASP A 440 -12.09 -16.01 2.46
C ASP A 440 -12.15 -15.96 0.94
N HIS A 441 -12.25 -17.09 0.28
CA HIS A 441 -12.33 -17.10 -1.19
C HIS A 441 -11.22 -16.33 -1.87
N PRO A 442 -9.99 -16.85 -1.78
CA PRO A 442 -8.89 -16.15 -2.40
C PRO A 442 -9.03 -16.13 -3.91
N THR A 443 -8.63 -15.05 -4.58
CA THR A 443 -8.66 -15.02 -6.03
C THR A 443 -7.29 -14.62 -6.58
N LEU A 444 -6.31 -14.39 -5.67
CA LEU A 444 -4.99 -14.01 -6.10
C LEU A 444 -3.92 -14.53 -5.10
N VAL A 445 -2.79 -14.91 -5.68
CA VAL A 445 -1.58 -15.37 -4.97
C VAL A 445 -0.41 -14.53 -5.44
N VAL A 446 0.53 -14.22 -4.54
CA VAL A 446 1.68 -13.49 -4.85
C VAL A 446 2.88 -14.26 -4.24
N SER A 447 4.02 -14.16 -4.92
CA SER A 447 5.30 -14.74 -4.48
C SER A 447 6.29 -13.68 -4.80
N VAL A 448 7.15 -13.35 -3.80
CA VAL A 448 8.10 -12.33 -3.93
C VAL A 448 9.49 -12.69 -3.36
N VAL A 449 10.54 -12.27 -4.08
CA VAL A 449 11.89 -12.27 -3.49
C VAL A 449 12.44 -10.85 -3.70
N ILE A 450 13.05 -10.32 -2.65
CA ILE A 450 13.76 -9.05 -2.71
C ILE A 450 15.19 -9.41 -2.22
N GLU A 451 16.18 -9.23 -3.09
CA GLU A 451 17.53 -9.58 -2.80
C GLU A 451 18.16 -8.41 -2.04
N GLY A 452 18.73 -8.75 -0.89
CA GLY A 452 19.41 -7.77 -0.07
C GLY A 452 20.84 -7.96 -0.45
N ASN A 453 21.38 -6.98 -1.18
CA ASN A 453 22.76 -7.01 -1.63
C ASN A 453 23.68 -6.56 -0.50
N GLY A 454 23.58 -5.29 -0.11
CA GLY A 454 24.41 -4.74 0.96
C GLY A 454 23.56 -4.24 2.12
N ASN A 456 20.41 -4.73 3.78
CA ASN A 456 19.38 -5.14 4.74
C ASN A 456 17.99 -4.76 4.26
N VAL A 457 17.18 -5.79 4.01
CA VAL A 457 15.83 -5.61 3.50
C VAL A 457 14.79 -6.35 4.34
N LEU A 458 15.06 -6.50 5.65
CA LEU A 458 14.14 -7.21 6.56
C LEU A 458 12.71 -6.73 6.34
N GLY A 459 11.77 -7.66 6.18
CA GLY A 459 10.36 -7.32 5.98
C GLY A 459 9.91 -6.70 4.66
N TYR A 460 10.84 -6.37 3.78
CA TYR A 460 10.45 -5.74 2.49
C TYR A 460 9.60 -6.64 1.60
N GLY A 461 9.87 -7.96 1.63
CA GLY A 461 9.08 -8.89 0.82
C GLY A 461 7.60 -8.75 1.12
N ALA A 462 7.29 -8.68 2.42
CA ALA A 462 5.94 -8.54 2.94
C ALA A 462 5.30 -7.24 2.56
N GLN A 463 6.06 -6.15 2.62
CA GLN A 463 5.50 -4.86 2.26
C GLN A 463 5.15 -4.85 0.78
N VAL A 464 6.07 -5.34 -0.06
CA VAL A 464 5.88 -5.44 -1.49
C VAL A 464 4.67 -6.32 -1.83
N GLY A 465 4.65 -7.51 -1.22
CA GLY A 465 3.59 -8.48 -1.36
C GLY A 465 2.19 -7.92 -1.04
N GLY A 466 2.04 -7.24 0.08
CA GLY A 466 0.76 -6.70 0.46
C GLY A 466 0.26 -5.65 -0.53
N ARG A 467 1.16 -4.73 -0.87
CA ARG A 467 0.89 -3.64 -1.81
C ARG A 467 0.51 -4.21 -3.21
N VAL A 468 1.26 -5.21 -3.68
CA VAL A 468 0.96 -5.84 -4.97
C VAL A 468 -0.43 -6.50 -4.98
N LEU A 469 -0.74 -7.32 -3.94
CA LEU A 469 -2.05 -7.93 -3.81
C LEU A 469 -3.20 -6.93 -3.83
N ALA A 470 -3.07 -5.85 -3.06
CA ALA A 470 -4.14 -4.85 -2.96
C ALA A 470 -4.44 -4.14 -4.28
N GLN A 471 -3.40 -3.73 -4.97
CA GLN A 471 -3.53 -3.02 -6.22
C GLN A 471 -4.07 -3.98 -7.26
N CYS A 472 -3.60 -5.24 -7.24
CA CYS A 472 -4.07 -6.23 -8.23
C CYS A 472 -5.55 -6.55 -7.99
N LEU A 473 -5.97 -6.59 -6.74
CA LEU A 473 -7.39 -6.85 -6.43
C LEU A 473 -8.28 -5.72 -6.98
N ASN A 474 -7.79 -4.48 -6.92
CA ASN A 474 -8.56 -3.32 -7.41
C ASN A 474 -8.65 -3.39 -8.91
N ILE A 475 -7.57 -3.77 -9.57
CA ILE A 475 -7.59 -3.96 -11.01
C ILE A 475 -8.62 -5.02 -11.40
N GLN A 476 -8.63 -6.10 -10.63
CA GLN A 476 -9.53 -7.24 -10.83
C GLN A 476 -11.00 -6.86 -10.65
N ALA A 477 -11.26 -5.94 -9.74
CA ALA A 477 -12.63 -5.47 -9.46
C ALA A 477 -13.26 -4.71 -10.61
N LEU A 478 -12.43 -3.99 -11.39
CA LEU A 478 -12.90 -3.18 -12.53
C LEU A 478 -13.60 -3.92 -13.71
N SER B 51 -42.77 29.04 13.12
CA SER B 51 -42.90 29.24 11.64
C SER B 51 -42.00 28.33 10.82
N ALA B 52 -42.44 27.08 10.71
CA ALA B 52 -41.77 26.09 9.90
C ALA B 52 -42.54 26.11 8.57
N TYR B 53 -43.17 27.24 8.29
CA TYR B 53 -43.96 27.45 7.09
C TYR B 53 -43.05 28.02 5.98
N VAL B 54 -41.97 28.67 6.39
CA VAL B 54 -41.00 29.25 5.47
C VAL B 54 -40.07 28.15 5.00
N GLN B 55 -40.11 27.85 3.69
CA GLN B 55 -39.27 26.79 3.12
C GLN B 55 -37.76 27.04 3.20
N ARG B 56 -37.00 25.95 3.26
CA ARG B 56 -35.52 26.01 3.26
C ARG B 56 -34.94 25.64 1.91
N GLY B 57 -33.88 26.37 1.56
CA GLY B 57 -33.17 26.13 0.32
C GLY B 57 -32.43 24.83 0.44
N ALA B 58 -32.10 24.27 -0.73
CA ALA B 58 -31.37 23.03 -0.84
C ALA B 58 -29.86 23.19 -0.53
N ILE B 59 -29.20 22.05 -0.32
CA ILE B 59 -27.74 21.96 -0.08
C ILE B 59 -27.30 20.97 -1.15
N ILE B 60 -26.52 21.47 -2.08
CA ILE B 60 -26.10 20.73 -3.23
C ILE B 60 -24.60 20.68 -3.37
N THR B 61 -24.12 19.55 -3.93
CA THR B 61 -22.69 19.35 -4.17
C THR B 61 -22.30 20.18 -5.40
N SER B 62 -21.00 20.32 -5.62
CA SER B 62 -20.51 21.11 -6.74
C SER B 62 -20.82 20.37 -8.03
N ASP B 63 -21.01 19.06 -7.97
CA ASP B 63 -21.31 18.29 -9.16
C ASP B 63 -22.81 17.97 -9.28
N GLY B 64 -23.64 18.85 -8.70
CA GLY B 64 -25.09 18.76 -8.77
C GLY B 64 -25.87 17.74 -7.96
N VAL B 65 -25.29 17.14 -6.93
CA VAL B 65 -26.05 16.15 -6.16
C VAL B 65 -26.71 16.77 -4.95
N THR B 66 -28.05 16.69 -4.88
CA THR B 66 -28.77 17.28 -3.76
C THR B 66 -28.64 16.39 -2.52
N LEU B 67 -28.31 17.03 -1.41
CA LEU B 67 -28.11 16.33 -0.14
C LEU B 67 -29.08 16.73 0.95
N ALA B 68 -29.81 17.82 0.70
CA ALA B 68 -30.83 18.33 1.61
C ALA B 68 -31.82 19.20 0.82
N GLU B 69 -33.12 18.99 1.07
CA GLU B 69 -34.26 19.72 0.43
C GLU B 69 -35.31 20.15 1.47
N SER B 70 -36.56 20.26 1.02
CA SER B 70 -37.72 20.56 1.86
C SER B 70 -38.98 20.37 1.05
N VAL B 71 -40.03 19.86 1.70
CA VAL B 71 -41.34 19.64 1.07
C VAL B 71 -42.49 19.91 2.05
N GLN B 73 -45.30 20.45 2.55
CA GLN B 73 -46.42 19.66 3.10
C GLN B 73 -47.79 20.32 3.19
N ASP B 74 -48.83 19.52 2.91
CA ASP B 74 -50.24 19.95 2.98
C ASP B 74 -50.51 20.76 4.22
N ASP B 75 -49.79 20.44 5.29
CA ASP B 75 -49.91 21.19 6.53
C ASP B 75 -49.34 22.60 6.31
N VAL B 79 -41.32 19.60 5.27
CA VAL B 79 -40.42 18.77 6.07
C VAL B 79 -39.01 18.66 5.47
N ARG B 80 -38.00 18.69 6.35
CA ARG B 80 -36.60 18.60 5.92
C ARG B 80 -36.19 17.18 5.53
N ASN B 81 -35.93 16.99 4.23
CA ASN B 81 -35.54 15.70 3.68
C ASN B 81 -34.04 15.64 3.33
N TYR B 82 -33.43 14.45 3.46
CA TYR B 82 -31.99 14.26 3.21
C TYR B 82 -31.69 13.12 2.27
N PRO B 83 -31.69 13.39 0.94
CA PRO B 83 -31.39 12.35 -0.04
C PRO B 83 -29.94 11.87 0.09
N HIS B 84 -29.66 10.65 -0.34
CA HIS B 84 -28.34 10.03 -0.19
C HIS B 84 -27.89 10.13 1.28
N ASP B 85 -28.86 9.93 2.17
CA ASP B 85 -28.70 10.07 3.60
C ASP B 85 -27.49 9.30 4.08
N GLY B 86 -26.56 9.99 4.73
CA GLY B 86 -25.35 9.31 5.18
C GLY B 86 -24.14 9.86 4.43
N ALA B 88 -21.63 12.63 3.46
CA ALA B 88 -21.17 13.86 4.10
C ALA B 88 -22.06 14.35 5.21
N SER B 89 -22.48 13.45 6.11
CA SER B 89 -23.40 13.79 7.21
C SER B 89 -22.90 14.90 8.14
N HIS B 90 -21.65 14.86 8.58
CA HIS B 90 -21.18 15.93 9.48
C HIS B 90 -21.11 17.32 8.81
N THR B 91 -20.84 17.33 7.52
CA THR B 91 -20.71 18.55 6.79
C THR B 91 -22.10 19.16 6.43
N VAL B 92 -23.05 18.30 6.08
CA VAL B 92 -24.43 18.75 5.75
C VAL B 92 -25.07 19.24 7.03
N GLY B 93 -24.94 18.46 8.10
CA GLY B 93 -25.42 18.91 9.37
C GLY B 93 -26.85 18.60 9.73
N TYR B 94 -27.32 19.28 10.75
CA TYR B 94 -28.64 19.10 11.30
C TYR B 94 -28.90 20.12 12.36
N ILE B 95 -30.20 20.26 12.65
CA ILE B 95 -30.73 21.11 13.70
C ILE B 95 -31.63 20.19 14.50
N SER B 96 -31.16 19.81 15.69
CA SER B 96 -31.85 18.86 16.58
C SER B 96 -31.87 19.37 18.03
N THR B 97 -33.03 19.31 18.67
CA THR B 97 -33.10 19.75 20.04
C THR B 97 -32.22 18.84 20.92
N GLN B 98 -32.27 17.55 20.65
CA GLN B 98 -31.54 16.63 21.43
C GLN B 98 -30.05 16.59 21.09
N TYR B 99 -29.72 16.59 19.80
CA TYR B 99 -28.32 16.46 19.38
C TYR B 99 -27.57 17.74 19.07
N GLY B 100 -28.21 18.89 19.15
CA GLY B 100 -27.55 20.15 18.84
C GLY B 100 -27.61 20.53 17.39
N THR B 101 -26.72 21.45 16.98
CA THR B 101 -26.64 21.88 15.58
C THR B 101 -25.22 21.64 15.09
N ALA B 102 -25.09 21.48 13.77
CA ALA B 102 -23.77 21.23 13.16
C ALA B 102 -23.85 21.41 11.66
N GLY B 103 -22.70 21.60 11.02
CA GLY B 103 -22.61 21.76 9.58
C GLY B 103 -23.32 22.94 8.93
N ILE B 104 -23.61 22.77 7.64
CA ILE B 104 -24.26 23.80 6.81
C ILE B 104 -25.70 24.16 7.25
N GLU B 105 -26.50 23.18 7.64
CA GLU B 105 -27.88 23.44 8.09
C GLU B 105 -27.86 24.51 9.16
N SER B 106 -26.84 24.44 9.99
CA SER B 106 -26.62 25.38 11.05
C SER B 106 -25.97 26.65 10.56
N SER B 107 -24.71 26.55 10.11
CA SER B 107 -23.91 27.72 9.69
C SER B 107 -24.52 28.59 8.58
N ASN B 109 -27.85 28.84 8.11
CA ASN B 109 -29.26 28.86 8.50
C ASN B 109 -30.03 30.06 7.91
N GLU B 110 -29.52 31.27 8.14
CA GLU B 110 -30.14 32.49 7.61
C GLU B 110 -30.32 32.43 6.08
N THR B 111 -29.28 31.96 5.37
CA THR B 111 -29.33 31.86 3.91
C THR B 111 -30.36 30.84 3.50
N LEU B 112 -30.34 29.72 4.20
CA LEU B 112 -31.26 28.61 3.95
C LEU B 112 -32.72 28.94 4.28
N THR B 113 -32.94 29.91 5.17
CA THR B 113 -34.28 30.41 5.53
C THR B 113 -35.24 30.53 4.33
N TRP B 121 -44.40 44.49 8.26
CA TRP B 121 -45.87 44.52 8.30
C TRP B 121 -46.49 43.12 8.18
N ARG B 122 -46.01 42.38 7.19
CA ARG B 122 -46.50 41.03 6.90
C ARG B 122 -46.08 39.99 7.96
N SER B 123 -44.98 40.25 8.67
CA SER B 123 -44.46 39.31 9.68
C SER B 123 -45.47 39.01 10.78
N ALA B 124 -46.37 39.95 11.05
CA ALA B 124 -47.42 39.74 12.03
C ALA B 124 -48.40 38.64 11.58
N LEU B 125 -48.44 38.29 10.29
CA LEU B 125 -49.32 37.23 9.82
C LEU B 125 -48.60 35.93 9.45
N TYR B 126 -48.85 34.89 10.24
CA TYR B 126 -48.28 33.57 9.99
C TYR B 126 -48.72 33.02 8.65
N SER B 127 -49.94 33.34 8.21
CA SER B 127 -50.47 32.81 6.92
C SER B 127 -49.66 33.33 5.73
N ALA B 129 -46.19 33.99 5.97
CA ALA B 129 -44.77 33.60 6.04
C ALA B 129 -44.26 32.94 4.76
N GLY B 130 -44.98 31.94 4.27
CA GLY B 130 -44.55 31.18 3.11
C GLY B 130 -44.64 31.84 1.75
N ILE B 131 -45.65 32.68 1.56
CA ILE B 131 -45.87 33.32 0.28
C ILE B 131 -44.79 34.38 0.07
N THR B 133 -41.68 34.43 0.23
CA THR B 133 -40.23 34.34 0.34
C THR B 133 -39.80 32.96 0.79
N THR B 134 -38.99 32.30 -0.05
CA THR B 134 -38.46 30.98 0.26
C THR B 134 -36.94 31.10 0.40
N GLY B 135 -36.29 30.05 0.87
CA GLY B 135 -34.85 30.07 1.07
C GLY B 135 -33.99 29.86 -0.17
N SER B 136 -32.83 30.52 -0.18
CA SER B 136 -31.87 30.37 -1.26
C SER B 136 -31.03 29.11 -1.00
N SER B 137 -30.71 28.37 -2.06
CA SER B 137 -29.94 27.14 -1.97
C SER B 137 -28.43 27.36 -1.75
N VAL B 138 -27.74 26.26 -1.49
CA VAL B 138 -26.32 26.35 -1.20
C VAL B 138 -25.56 25.28 -1.91
N VAL B 139 -24.62 25.70 -2.75
CA VAL B 139 -23.80 24.77 -3.50
C VAL B 139 -22.41 24.65 -2.81
N LEU B 140 -22.09 23.43 -2.39
CA LEU B 140 -20.80 23.20 -1.69
C LEU B 140 -19.67 22.97 -2.66
N THR B 141 -18.44 23.14 -2.17
CA THR B 141 -17.25 22.86 -2.95
C THR B 141 -17.06 21.37 -3.00
N ILE B 142 -17.78 20.62 -2.16
CA ILE B 142 -17.69 19.16 -2.12
C ILE B 142 -18.12 18.49 -3.41
N ASN B 143 -17.28 17.54 -3.86
CA ASN B 143 -17.54 16.74 -5.06
C ASN B 143 -18.05 15.40 -4.62
N SER B 144 -19.25 15.02 -5.07
CA SER B 144 -19.82 13.76 -4.62
C SER B 144 -19.00 12.53 -4.92
N GLN B 145 -18.28 12.49 -6.03
CA GLN B 145 -17.49 11.28 -6.29
C GLN B 145 -16.21 11.22 -5.39
N GLN B 147 -16.06 12.58 -2.47
CA GLN B 147 -16.66 12.27 -1.15
C GLN B 147 -16.91 10.77 -0.95
N ALA B 148 -17.40 10.05 -1.97
CA ALA B 148 -17.64 8.65 -1.88
C ALA B 148 -16.35 7.85 -1.76
N VAL B 149 -15.32 8.28 -2.47
CA VAL B 149 -13.99 7.71 -2.39
C VAL B 149 -13.43 7.82 -0.95
N ALA B 150 -13.62 9.00 -0.34
CA ALA B 150 -13.12 9.20 1.06
C ALA B 150 -13.91 8.39 2.03
N GLU B 151 -15.23 8.34 1.85
CA GLU B 151 -16.05 7.54 2.73
C GLU B 151 -15.78 6.04 2.61
N ALA B 152 -15.59 5.53 1.39
CA ALA B 152 -15.26 4.13 1.19
C ALA B 152 -13.94 3.73 1.87
N ALA B 153 -12.97 4.63 1.83
CA ALA B 153 -11.67 4.33 2.38
C ALA B 153 -11.70 4.25 3.93
N LEU B 154 -12.73 4.79 4.56
CA LEU B 154 -12.83 4.75 6.03
C LEU B 154 -13.66 3.60 6.57
N GLN B 155 -14.34 2.87 5.68
CA GLN B 155 -15.14 1.74 6.13
C GLN B 155 -14.30 0.79 7.00
N GLY B 156 -14.85 0.47 8.14
CA GLY B 156 -14.21 -0.45 9.10
C GLY B 156 -13.27 0.28 10.05
N TYR B 157 -13.11 1.60 9.85
CA TYR B 157 -12.16 2.35 10.72
C TYR B 157 -12.74 3.57 11.34
N SER B 158 -12.08 4.02 12.40
CA SER B 158 -12.43 5.26 12.98
C SER B 158 -11.33 6.21 12.57
N GLY B 159 -11.73 7.39 12.14
CA GLY B 159 -10.84 8.44 11.75
C GLY B 159 -11.43 9.45 10.76
N SER B 160 -10.60 10.06 9.95
CA SER B 160 -11.14 11.03 8.97
C SER B 160 -10.20 11.33 7.83
N ILE B 161 -10.77 11.98 6.80
CA ILE B 161 -10.04 12.29 5.63
C ILE B 161 -10.50 13.64 5.06
N VAL B 162 -9.54 14.46 4.63
CA VAL B 162 -9.84 15.76 4.02
C VAL B 162 -9.08 15.79 2.71
N VAL B 163 -9.77 16.17 1.63
CA VAL B 163 -9.16 16.36 0.34
C VAL B 163 -9.43 17.83 -0.02
N ASP B 165 -8.10 21.51 -2.49
CA ASP B 165 -7.41 22.11 -3.58
C ASP B 165 -6.37 23.00 -2.98
N PRO B 166 -5.11 22.83 -3.33
CA PRO B 166 -4.07 23.64 -2.65
C PRO B 166 -3.96 25.13 -2.99
N SER B 167 -4.42 25.50 -4.19
CA SER B 167 -4.34 26.85 -4.64
C SER B 167 -5.45 27.67 -4.02
N THR B 168 -6.55 27.05 -3.62
CA THR B 168 -7.60 27.86 -3.01
C THR B 168 -8.05 27.53 -1.63
N GLY B 169 -7.82 26.31 -1.16
CA GLY B 169 -8.36 25.93 0.15
C GLY B 169 -9.74 25.33 0.01
N ALA B 170 -10.24 25.15 -1.22
CA ALA B 170 -11.55 24.55 -1.41
C ALA B 170 -11.53 23.11 -0.95
N VAL B 171 -12.51 22.74 -0.11
CA VAL B 171 -12.66 21.38 0.43
C VAL B 171 -13.47 20.51 -0.55
N LEU B 172 -12.77 19.56 -1.16
CA LEU B 172 -13.38 18.70 -2.16
C LEU B 172 -14.08 17.44 -1.62
N ALA B 173 -13.56 16.95 -0.46
CA ALA B 173 -14.10 15.83 0.26
C ALA B 173 -13.73 16.02 1.76
N LYS B 174 -14.66 15.66 2.62
CA LYS B 174 -14.53 15.78 4.05
C LYS B 174 -15.37 14.69 4.69
N ALA B 175 -14.70 13.69 5.29
CA ALA B 175 -15.38 12.60 5.87
C ALA B 175 -14.79 12.20 7.22
N SER B 176 -15.68 11.85 8.14
CA SER B 176 -15.41 11.39 9.48
C SER B 176 -16.13 10.04 9.65
N SER B 177 -15.51 9.17 10.43
CA SER B 177 -15.95 7.83 10.71
C SER B 177 -15.65 7.48 12.16
N PRO B 178 -16.59 6.82 12.84
CA PRO B 178 -17.89 6.35 12.32
C PRO B 178 -18.84 7.49 12.06
N SER B 179 -19.74 7.30 11.11
CA SER B 179 -20.71 8.36 10.80
C SER B 179 -22.12 7.96 11.19
N TYR B 180 -23.11 8.68 10.68
CA TYR B 180 -24.50 8.41 10.99
C TYR B 180 -25.36 8.90 9.83
N THR B 181 -26.65 8.59 9.88
CA THR B 181 -27.56 9.06 8.87
C THR B 181 -28.47 9.96 9.63
N HIS B 182 -29.14 10.83 8.90
CA HIS B 182 -30.12 11.74 9.48
C HIS B 182 -31.33 11.01 10.05
N ALA B 183 -31.68 9.84 9.50
CA ALA B 183 -32.79 9.07 10.07
C ALA B 183 -32.45 8.65 11.50
N GLU B 184 -31.20 8.24 11.75
CA GLU B 184 -30.78 7.83 13.10
C GLU B 184 -30.89 8.93 14.16
N LEU B 185 -30.93 10.17 13.72
CA LEU B 185 -31.09 11.27 14.64
C LEU B 185 -32.49 11.27 15.23
N GLY B 186 -33.45 10.59 14.61
CA GLY B 186 -34.81 10.51 15.17
C GLY B 186 -34.95 9.41 16.24
N THR B 187 -33.82 8.81 16.63
CA THR B 187 -33.75 7.71 17.62
C THR B 187 -32.59 7.95 18.60
N ILE B 188 -32.00 6.89 19.15
CA ILE B 188 -30.86 7.00 20.09
C ILE B 188 -29.53 6.61 19.43
N SER B 195 -19.64 9.15 20.04
CA SER B 195 -18.58 8.92 19.09
C SER B 195 -19.01 9.37 17.69
N GLN B 196 -20.00 8.72 17.10
CA GLN B 196 -20.47 9.02 15.72
C GLN B 196 -20.66 10.49 15.41
N LEU B 197 -21.23 11.21 16.35
CA LEU B 197 -21.55 12.63 16.15
C LEU B 197 -20.38 13.56 16.05
N VAL B 198 -19.25 13.16 16.61
CA VAL B 198 -18.11 13.95 16.50
C VAL B 198 -17.58 14.04 15.07
N ASP B 199 -17.21 15.23 14.66
CA ASP B 199 -16.57 15.43 13.38
C ASP B 199 -15.06 15.41 13.58
N ARG B 200 -14.46 14.27 13.21
CA ARG B 200 -13.02 14.07 13.36
C ARG B 200 -12.19 14.84 12.38
N THR B 201 -12.81 15.55 11.40
CA THR B 201 -11.99 16.34 10.57
C THR B 201 -11.68 17.67 11.21
N THR B 202 -12.61 18.27 11.92
CA THR B 202 -12.44 19.60 12.41
C THR B 202 -12.66 19.85 13.89
N GLN B 203 -13.33 18.95 14.55
CA GLN B 203 -13.67 19.14 15.96
C GLN B 203 -13.09 18.12 16.92
N ALA B 204 -12.03 17.46 16.52
CA ALA B 204 -11.33 16.52 17.41
C ALA B 204 -9.86 16.86 17.33
N LEU B 205 -9.15 16.78 18.47
CA LEU B 205 -7.73 17.11 18.50
C LEU B 205 -6.92 15.85 18.74
N TYR B 206 -5.84 15.75 17.99
CA TYR B 206 -4.90 14.63 18.05
C TYR B 206 -3.46 15.10 18.16
N SER B 207 -2.61 14.27 18.79
CA SER B 207 -1.20 14.52 18.75
C SER B 207 -0.85 14.20 17.29
N PRO B 208 -0.16 15.09 16.57
CA PRO B 208 0.11 14.73 15.15
C PRO B 208 1.23 13.75 14.98
N GLY B 209 2.04 13.57 16.02
CA GLY B 209 3.20 12.68 15.89
C GLY B 209 4.17 13.17 14.89
N SER B 210 4.82 12.23 14.22
CA SER B 210 5.78 12.53 13.25
C SER B 210 5.27 13.32 12.01
N SER B 211 3.96 13.39 11.77
CA SER B 211 3.50 14.27 10.66
C SER B 211 3.86 15.75 10.93
N PHE B 212 3.94 16.15 12.19
CA PHE B 212 4.35 17.50 12.52
C PHE B 212 5.78 17.85 12.10
N LYS B 213 6.64 16.87 11.85
CA LYS B 213 7.98 17.15 11.38
C LYS B 213 8.03 18.04 10.14
N THR B 214 6.97 18.02 9.35
CA THR B 214 6.91 18.93 8.23
C THR B 214 7.08 20.37 8.63
N VAL B 215 6.47 20.79 9.73
CA VAL B 215 6.57 22.12 10.25
C VAL B 215 7.98 22.35 10.74
N THR B 216 8.50 21.41 11.56
CA THR B 216 9.91 21.58 12.05
C THR B 216 10.88 21.74 10.90
N LEU B 217 10.75 20.86 9.88
CA LEU B 217 11.63 20.93 8.76
C LEU B 217 11.48 22.27 8.03
N ALA B 218 10.24 22.69 7.81
CA ALA B 218 10.04 23.94 7.07
C ALA B 218 10.67 25.15 7.86
N ALA B 219 10.46 25.19 9.14
CA ALA B 219 11.02 26.29 9.93
C ALA B 219 12.54 26.22 9.88
N GLY B 220 13.10 25.01 9.96
CA GLY B 220 14.55 24.86 9.93
C GLY B 220 15.17 25.39 8.64
N ILE B 221 14.51 25.13 7.54
CA ILE B 221 14.99 25.57 6.28
C ILE B 221 14.72 27.03 6.08
N ASP B 222 13.57 27.50 6.55
CA ASP B 222 13.18 28.90 6.29
C ASP B 222 14.06 29.88 7.07
N THR B 223 14.52 29.48 8.26
CA THR B 223 15.39 30.33 9.03
C THR B 223 16.86 30.18 8.61
N HIS B 224 17.12 29.35 7.60
CA HIS B 224 18.50 29.14 7.10
C HIS B 224 19.39 28.55 8.22
N LYS B 225 18.82 27.62 8.93
CA LYS B 225 19.56 26.93 10.01
C LYS B 225 19.98 25.55 9.66
N THR B 226 19.56 25.07 8.49
CA THR B 226 19.92 23.74 8.08
C THR B 226 19.49 23.56 6.62
N THR B 227 19.95 22.47 6.02
CA THR B 227 19.59 22.14 4.63
C THR B 227 19.21 20.68 4.62
N LEU B 228 18.59 20.23 3.52
CA LEU B 228 18.31 18.80 3.35
C LEU B 228 19.58 17.93 3.32
N ASP B 229 20.73 18.45 2.90
CA ASP B 229 21.94 17.63 2.85
C ASP B 229 22.79 17.75 4.13
N THR B 230 22.37 18.58 5.07
CA THR B 230 23.11 18.68 6.35
C THR B 230 22.96 17.33 7.11
N THR B 231 24.07 16.79 7.63
CA THR B 231 23.96 15.52 8.36
C THR B 231 23.68 15.67 9.84
N TYR B 232 22.97 14.68 10.36
CA TYR B 232 22.57 14.62 11.75
C TYR B 232 22.86 13.23 12.31
N SER B 233 23.18 13.18 13.60
CA SER B 233 23.36 11.90 14.29
C SER B 233 21.95 11.47 14.61
N ALA B 234 21.62 10.22 14.34
CA ALA B 234 20.27 9.74 14.53
C ALA B 234 20.26 8.40 15.28
N PRO B 235 20.77 8.38 16.51
CA PRO B 235 20.80 7.12 17.24
C PRO B 235 19.42 6.64 17.74
N GLY B 236 19.39 5.43 18.27
CA GLY B 236 18.13 4.87 18.79
C GLY B 236 17.56 5.62 19.95
N THR B 237 18.44 6.15 20.78
CA THR B 237 18.06 6.89 21.96
C THR B 237 19.08 7.97 22.19
N GLU B 239 19.91 11.62 24.96
CA GLU B 239 19.56 12.49 26.10
C GLU B 239 19.42 13.95 25.63
N ILE B 240 18.26 14.57 25.90
CA ILE B 240 18.01 15.96 25.53
C ILE B 240 17.19 16.69 26.58
N GLY B 241 17.76 17.75 27.13
CA GLY B 241 17.09 18.54 28.14
C GLY B 241 16.85 17.73 29.37
N GLY B 242 17.74 16.77 29.61
CA GLY B 242 17.63 15.93 30.78
C GLY B 242 16.48 14.95 30.69
N GLY B 243 16.08 14.64 29.46
CA GLY B 243 15.07 13.67 29.24
C GLY B 243 15.58 12.84 28.09
N THR B 244 14.86 11.79 27.78
CA THR B 244 15.24 10.90 26.70
C THR B 244 14.28 11.06 25.49
N ILE B 245 14.87 10.97 24.29
CA ILE B 245 14.13 10.96 23.01
C ILE B 245 14.57 9.67 22.34
N HIS B 246 13.65 8.93 21.72
CA HIS B 246 14.01 7.74 21.03
C HIS B 246 13.36 7.72 19.64
N ASN B 247 14.02 7.06 18.72
CA ASN B 247 13.48 6.81 17.38
C ASN B 247 12.47 5.68 17.52
N TYR B 248 11.58 5.58 16.57
CA TYR B 248 10.65 4.48 16.61
C TYR B 248 11.44 3.17 16.72
N ALA B 249 11.01 2.26 17.59
CA ALA B 249 11.67 0.96 17.84
C ALA B 249 13.12 1.10 18.32
N ASN B 250 13.49 2.27 18.81
CA ASN B 250 14.87 2.52 19.24
C ASN B 250 15.88 2.20 18.14
N GLU B 251 15.50 2.43 16.89
CA GLU B 251 16.39 2.13 15.78
C GLU B 251 17.57 3.09 15.72
N ASP B 252 18.77 2.53 15.53
CA ASP B 252 19.99 3.33 15.42
C ASP B 252 20.21 3.53 13.95
N GLY B 254 22.62 5.78 12.67
CA GLY B 254 23.95 6.32 12.44
C GLY B 254 23.88 7.79 12.15
N THR B 255 24.83 8.28 11.37
CA THR B 255 24.86 9.67 10.96
C THR B 255 24.21 9.71 9.58
N ILE B 256 23.16 10.54 9.40
CA ILE B 256 22.51 10.61 8.08
C ILE B 256 22.04 12.01 7.64
N PRO B 257 21.88 12.22 6.32
CA PRO B 257 21.38 13.54 5.93
C PRO B 257 19.99 13.80 6.43
N LEU B 258 19.69 15.07 6.64
CA LEU B 258 18.37 15.49 7.05
C LEU B 258 17.23 14.98 6.10
N ARG B 259 17.46 14.98 4.79
CA ARG B 259 16.40 14.51 3.88
C ARG B 259 16.10 13.04 4.19
N GLU B 260 17.14 12.30 4.61
CA GLU B 260 16.99 10.88 4.98
C GLU B 260 16.32 10.70 6.33
N ALA B 261 16.73 11.52 7.32
CA ALA B 261 16.13 11.52 8.63
C ALA B 261 14.63 11.86 8.48
N PHE B 262 14.33 12.74 7.52
CA PHE B 262 12.90 13.07 7.31
C PHE B 262 12.19 11.86 6.71
N ALA B 263 12.74 11.31 5.63
CA ALA B 263 12.13 10.12 4.91
C ALA B 263 11.93 8.95 5.81
N ARG B 264 12.92 8.64 6.64
CA ARG B 264 12.81 7.52 7.57
C ARG B 264 12.17 7.88 8.87
N SER B 265 11.82 9.16 9.03
CA SER B 265 11.20 9.72 10.23
C SER B 265 11.98 9.41 11.57
N SER B 266 13.17 9.99 11.69
CA SER B 266 14.01 9.86 12.97
C SER B 266 13.67 10.94 13.98
N ASN B 267 13.16 10.56 15.13
CA ASN B 267 12.86 11.51 16.17
C ASN B 267 14.14 12.17 16.74
N THR B 268 15.18 11.40 16.92
CA THR B 268 16.39 11.99 17.53
C THR B 268 16.99 13.06 16.64
N ALA B 269 16.98 12.84 15.32
CA ALA B 269 17.49 13.82 14.38
C ALA B 269 16.64 15.07 14.38
N LEU B 270 15.32 14.90 14.18
CA LEU B 270 14.42 16.04 14.15
C LEU B 270 14.31 16.75 15.50
N ALA B 271 14.35 16.03 16.62
CA ALA B 271 14.37 16.75 17.94
C ALA B 271 15.57 17.75 17.97
N GLN B 272 16.71 17.38 17.41
CA GLN B 272 17.93 18.24 17.40
C GLN B 272 17.69 19.52 16.62
N LEU B 273 16.96 19.42 15.50
CA LEU B 273 16.62 20.59 14.73
C LEU B 273 15.69 21.47 15.54
N GLY B 274 14.70 20.86 16.18
CA GLY B 274 13.76 21.59 17.00
C GLY B 274 14.49 22.34 18.10
N VAL B 275 15.43 21.66 18.75
CA VAL B 275 16.21 22.33 19.79
C VAL B 275 17.01 23.48 19.18
N ALA B 276 17.50 23.35 17.93
CA ALA B 276 18.30 24.41 17.32
C ALA B 276 17.47 25.60 16.96
N LEU B 277 16.24 25.34 16.51
CA LEU B 277 15.31 26.44 16.18
C LEU B 277 14.86 27.19 17.44
N GLY B 278 14.61 26.45 18.51
CA GLY B 278 14.07 27.04 19.72
C GLY B 278 12.56 27.18 19.77
N ALA B 279 12.06 27.36 21.00
CA ALA B 279 10.64 27.49 21.22
C ALA B 279 9.95 28.63 20.45
N ASP B 280 10.48 29.87 20.45
CA ASP B 280 9.83 30.97 19.72
C ASP B 280 9.63 30.65 18.22
N ASN B 281 10.72 30.21 17.58
CA ASN B 281 10.68 29.83 16.17
C ASN B 281 9.68 28.71 15.88
N LEU B 282 9.75 27.65 16.67
CA LEU B 282 8.83 26.50 16.45
C LEU B 282 7.38 26.95 16.54
N VAL B 283 7.06 27.72 17.60
CA VAL B 283 5.67 28.16 17.75
C VAL B 283 5.26 29.17 16.66
N SER B 284 6.12 30.14 16.34
CA SER B 284 5.84 31.13 15.32
C SER B 284 5.49 30.48 14.01
N TYR B 285 6.30 29.51 13.63
CA TYR B 285 6.10 28.78 12.40
C TYR B 285 4.83 27.97 12.39
N ALA B 286 4.56 27.26 13.49
CA ALA B 286 3.29 26.54 13.61
C ALA B 286 2.11 27.53 13.47
N ARG B 287 2.19 28.67 14.16
N ARG B 287 2.20 28.65 14.18
CA ARG B 287 1.12 29.67 14.08
CA ARG B 287 1.14 29.66 14.16
C ARG B 287 0.97 30.22 12.66
C ARG B 287 0.99 30.30 12.74
N ALA B 288 2.09 30.52 12.01
CA ALA B 288 2.02 31.01 10.63
C ALA B 288 1.31 30.01 9.67
N PHE B 289 1.39 28.70 9.95
CA PHE B 289 0.64 27.66 9.19
C PHE B 289 -0.84 27.54 9.58
N GLY B 290 -1.28 28.27 10.61
CA GLY B 290 -2.67 28.26 11.06
C GLY B 290 -2.96 27.91 12.50
N TYR B 291 -1.97 27.38 13.21
CA TYR B 291 -2.22 27.04 14.59
C TYR B 291 -2.71 28.27 15.29
N GLY B 292 -3.61 28.10 16.22
CA GLY B 292 -4.20 29.22 16.94
C GLY B 292 -5.41 29.82 16.20
N THR B 293 -5.66 29.44 14.95
CA THR B 293 -6.79 29.98 14.16
C THR B 293 -7.93 28.99 13.98
N ALA B 294 -9.16 29.47 14.06
CA ALA B 294 -10.30 28.62 13.86
C ALA B 294 -10.52 28.60 12.35
N LEU B 295 -9.75 27.77 11.66
CA LEU B 295 -9.78 27.61 10.19
C LEU B 295 -11.20 27.45 9.63
N GLY B 296 -11.41 27.94 8.43
CA GLY B 296 -12.70 27.84 7.84
C GLY B 296 -13.41 29.16 7.63
N GLN B 297 -13.60 29.50 6.38
CA GLN B 297 -14.37 30.70 6.11
C GLN B 297 -15.83 30.55 6.43
N ASP B 298 -16.36 29.34 6.27
CA ASP B 298 -17.77 29.09 6.38
C ASP B 298 -18.11 27.76 7.08
N PHE B 299 -17.19 27.34 7.95
CA PHE B 299 -17.40 26.15 8.74
C PHE B 299 -16.54 26.33 10.01
N SER B 300 -16.85 25.56 11.03
CA SER B 300 -16.21 25.67 12.33
C SER B 300 -15.19 24.63 12.49
N THR B 301 -13.99 25.07 12.84
CA THR B 301 -12.88 24.18 13.11
C THR B 301 -12.31 24.61 14.50
N THR B 302 -11.92 23.66 15.32
CA THR B 302 -11.32 23.99 16.62
C THR B 302 -9.85 24.31 16.36
N PRO B 303 -9.34 25.44 16.90
CA PRO B 303 -7.95 25.76 16.67
C PRO B 303 -6.99 24.68 17.14
N SER B 304 -5.93 24.46 16.35
CA SER B 304 -4.86 23.55 16.71
C SER B 304 -4.03 24.31 17.75
N LEU B 305 -3.33 23.61 18.63
CA LEU B 305 -2.66 24.32 19.74
C LEU B 305 -1.17 24.11 19.94
N PRO B 307 2.00 25.46 22.89
CA PRO B 307 2.11 26.20 24.14
C PRO B 307 2.57 27.62 23.96
N ASN B 308 2.58 28.33 25.08
CA ASN B 308 3.22 29.62 25.18
C ASN B 308 4.73 29.25 25.10
N PRO B 309 5.49 29.79 24.11
CA PRO B 309 6.89 29.35 24.04
C PRO B 309 7.68 29.69 25.28
N ALA B 310 7.31 30.76 25.97
CA ALA B 310 8.04 31.09 27.18
C ALA B 310 7.94 30.02 28.25
N GLU B 311 6.89 29.18 28.23
CA GLU B 311 6.74 28.14 29.26
C GLU B 311 7.33 26.79 28.91
N THR B 313 9.98 23.69 28.01
CA THR B 313 11.32 23.23 28.43
C THR B 313 12.01 22.69 27.22
N THR B 314 13.31 22.44 27.36
CA THR B 314 14.09 21.86 26.25
C THR B 314 13.60 20.50 25.84
N TRP B 315 13.33 19.65 26.84
CA TRP B 315 12.84 18.30 26.61
C TRP B 315 11.44 18.36 25.91
N GLU B 316 10.56 19.20 26.41
CA GLU B 316 9.22 19.40 25.84
C GLU B 316 9.36 19.84 24.37
N LEU B 317 10.24 20.79 24.12
CA LEU B 317 10.50 21.29 22.76
C LEU B 317 10.99 20.18 21.86
N ALA B 318 11.93 19.38 22.38
CA ALA B 318 12.47 18.27 21.64
C ALA B 318 11.30 17.38 21.13
N TRP B 319 10.35 17.02 22.03
CA TRP B 319 9.20 16.13 21.65
C TRP B 319 8.20 16.85 20.76
N ALA B 320 7.98 18.11 21.07
CA ALA B 320 7.05 18.94 20.32
C ALA B 320 7.48 18.99 18.85
N SER B 321 8.78 19.05 18.63
CA SER B 321 9.29 19.10 17.27
C SER B 321 9.09 17.82 16.46
N CYS B 322 8.70 16.72 17.12
CA CYS B 322 8.39 15.41 16.56
C CYS B 322 6.89 15.19 16.66
N GLY B 323 6.19 16.16 17.22
CA GLY B 323 4.74 16.11 17.27
C GLY B 323 4.06 15.47 18.43
N LEU B 324 4.81 15.31 19.54
CA LEU B 324 4.28 14.74 20.77
C LEU B 324 4.17 15.86 21.85
N PRO B 325 2.93 16.13 22.31
CA PRO B 325 2.73 17.13 23.32
C PRO B 325 3.00 16.55 24.69
N VAL B 326 4.08 16.99 25.35
CA VAL B 326 4.39 16.45 26.69
C VAL B 326 4.53 17.51 27.75
N GLY B 327 4.21 18.76 27.41
CA GLY B 327 4.34 19.88 28.32
C GLY B 327 3.47 19.88 29.57
N GLU B 328 3.92 20.61 30.59
CA GLU B 328 3.12 20.78 31.82
C GLU B 328 3.39 22.16 32.39
N HIS B 329 2.43 23.01 32.11
CA HIS B 329 2.45 24.41 32.40
C HIS B 329 1.03 24.91 32.22
N ALA B 330 0.78 26.19 32.45
CA ALA B 330 -0.55 26.74 32.34
C ALA B 330 -1.14 26.66 30.91
N SER B 331 -0.29 26.92 29.92
CA SER B 331 -0.76 26.90 28.53
C SER B 331 -0.95 25.46 28.02
N PRO B 332 -1.75 25.29 26.96
CA PRO B 332 -1.88 23.91 26.51
C PRO B 332 -0.54 23.22 26.12
N ALA B 333 -0.45 21.92 26.27
CA ALA B 333 0.71 21.20 25.77
C ALA B 333 0.46 21.19 24.24
N GLY B 334 1.49 21.09 23.42
CA GLY B 334 1.28 21.02 21.97
C GLY B 334 2.45 20.38 21.28
N PRO B 335 2.32 20.08 19.96
CA PRO B 335 1.11 20.34 19.16
C PRO B 335 -0.08 19.41 19.37
N GLN B 336 -1.28 19.99 19.33
CA GLN B 336 -2.54 19.25 19.28
C GLN B 336 -3.14 19.76 17.94
N THR B 337 -3.57 18.85 17.06
CA THR B 337 -3.96 19.26 15.72
C THR B 337 -5.27 18.69 15.23
N THR B 338 -5.86 19.37 14.24
CA THR B 338 -7.03 18.80 13.60
C THR B 338 -6.49 18.25 12.28
N VAL B 339 -7.21 17.31 11.75
CA VAL B 339 -6.86 16.76 10.46
C VAL B 339 -6.94 17.91 9.42
N GLN B 341 -6.31 21.05 9.87
CA GLN B 341 -5.03 21.79 10.01
C GLN B 341 -3.95 21.09 9.25
N ASN B 342 -3.84 19.76 9.38
CA ASN B 342 -2.83 19.03 8.65
C ASN B 342 -2.93 19.22 7.13
N ALA B 343 -4.16 19.27 6.65
CA ALA B 343 -4.37 19.53 5.22
C ALA B 343 -3.83 20.90 4.90
N VAL B 344 -4.24 21.90 5.67
CA VAL B 344 -3.75 23.25 5.50
C VAL B 344 -2.27 23.38 5.35
N ILE B 345 -1.52 22.63 6.18
CA ILE B 345 -0.10 22.61 6.08
C ILE B 345 0.41 21.99 4.76
N ALA B 346 -0.12 20.85 4.39
CA ALA B 346 0.32 20.18 3.18
C ALA B 346 -0.04 21.11 1.98
N ALA B 347 -1.16 21.84 2.10
CA ALA B 347 -1.59 22.74 0.95
C ALA B 347 -0.63 23.88 0.82
N ALA B 348 -0.27 24.50 1.96
CA ALA B 348 0.71 25.57 1.95
C ALA B 348 1.99 25.20 1.26
N ILE B 349 2.52 24.01 1.59
CA ILE B 349 3.75 23.49 0.98
C ILE B 349 3.60 23.26 -0.51
N ALA B 350 2.51 22.62 -0.85
CA ALA B 350 2.16 22.40 -2.27
C ALA B 350 2.03 23.71 -3.02
N ASN B 351 1.53 24.74 -2.35
CA ASN B 351 1.24 26.07 -2.93
C ASN B 351 2.29 27.20 -2.73
N GLY B 352 3.56 26.87 -2.83
CA GLY B 352 4.65 27.85 -2.71
C GLY B 352 4.74 28.59 -1.39
N GLY B 353 4.22 27.98 -0.34
CA GLY B 353 4.25 28.56 1.01
C GLY B 353 3.06 29.43 1.38
N VAL B 354 2.10 29.66 0.44
CA VAL B 354 0.97 30.51 0.72
C VAL B 354 -0.12 29.65 1.35
N VAL B 355 -0.58 30.04 2.55
CA VAL B 355 -1.59 29.36 3.31
C VAL B 355 -2.97 29.87 2.90
N ASN B 357 -7.18 29.96 3.68
CA ASN B 357 -8.20 29.66 4.68
C ASN B 357 -9.21 28.79 3.97
N PRO B 358 -9.37 27.52 4.42
CA PRO B 358 -10.28 26.63 3.68
C PRO B 358 -11.73 27.03 3.69
N TYR B 359 -12.48 26.54 2.69
CA TYR B 359 -13.87 26.87 2.60
C TYR B 359 -14.64 25.73 1.97
N ILE B 360 -15.90 25.67 2.31
CA ILE B 360 -16.72 24.60 1.81
C ILE B 360 -17.96 25.02 1.00
N VAL B 361 -18.26 26.31 0.97
CA VAL B 361 -19.38 26.86 0.20
C VAL B 361 -18.80 27.49 -1.07
N ASP B 362 -19.17 26.98 -2.23
CA ASP B 362 -18.75 27.57 -3.51
C ASP B 362 -19.59 28.84 -3.79
N ARG B 363 -20.90 28.68 -3.66
CA ARG B 363 -21.86 29.78 -3.95
C ARG B 363 -23.29 29.56 -3.43
N VAL B 364 -24.02 30.66 -3.31
CA VAL B 364 -25.41 30.67 -2.88
C VAL B 364 -26.26 30.93 -4.12
N LEU B 365 -27.33 30.15 -4.32
CA LEU B 365 -28.25 30.32 -5.45
C LEU B 365 -29.61 30.80 -4.97
N SER B 366 -30.22 31.73 -5.71
CA SER B 366 -31.54 32.24 -5.34
C SER B 366 -32.55 31.14 -5.57
N PRO B 367 -33.74 31.26 -4.97
CA PRO B 367 -34.72 30.21 -5.22
C PRO B 367 -35.01 30.08 -6.73
N GLU B 368 -34.77 31.15 -7.46
CA GLU B 368 -35.01 31.20 -8.90
C GLU B 368 -33.92 30.50 -9.74
N GLY B 369 -32.79 30.18 -9.11
CA GLY B 369 -31.68 29.52 -9.81
C GLY B 369 -30.58 30.49 -10.23
N ALA B 370 -30.65 31.72 -9.76
CA ALA B 370 -29.61 32.70 -10.07
C ALA B 370 -28.53 32.67 -8.97
N VAL B 371 -27.31 33.01 -9.35
CA VAL B 371 -26.20 33.05 -8.41
C VAL B 371 -26.24 34.34 -7.62
N VAL B 372 -26.46 34.24 -6.32
CA VAL B 372 -26.54 35.38 -5.42
C VAL B 372 -25.15 35.81 -4.90
N SER B 373 -24.28 34.86 -4.63
CA SER B 373 -22.90 35.18 -4.19
C SER B 373 -21.98 34.01 -4.50
N THR B 374 -20.69 34.31 -4.49
CA THR B 374 -19.66 33.33 -4.75
C THR B 374 -18.61 33.58 -3.70
N THR B 375 -18.09 32.51 -3.12
CA THR B 375 -17.05 32.64 -2.10
C THR B 375 -15.75 33.01 -2.79
N SER B 376 -14.97 33.87 -2.17
CA SER B 376 -13.70 34.21 -2.73
C SER B 376 -12.57 33.51 -1.90
N PRO B 377 -11.58 32.95 -2.60
CA PRO B 377 -10.45 32.37 -1.86
C PRO B 377 -9.70 33.45 -1.06
N LYS B 378 -9.24 33.12 0.15
CA LYS B 378 -8.52 34.09 0.98
C LYS B 378 -7.27 33.47 1.59
N SER B 379 -6.16 34.22 1.58
CA SER B 379 -4.90 33.73 2.14
C SER B 379 -4.77 34.09 3.60
N LEU B 380 -4.02 33.29 4.38
CA LEU B 380 -3.76 33.58 5.79
C LEU B 380 -2.32 33.97 5.95
N GLY B 381 -1.67 34.27 4.83
CA GLY B 381 -0.28 34.68 4.81
C GLY B 381 0.64 33.69 4.13
N GLN B 382 1.92 34.04 4.11
CA GLN B 382 2.92 33.18 3.58
C GLN B 382 3.75 32.67 4.76
N ALA B 383 3.58 31.41 5.11
CA ALA B 383 4.28 30.83 6.28
C ALA B 383 5.78 30.65 6.04
N VAL B 384 6.15 30.27 4.80
CA VAL B 384 7.54 30.06 4.42
C VAL B 384 7.76 30.58 3.01
N SER B 385 9.00 30.84 2.64
CA SER B 385 9.27 31.30 1.28
C SER B 385 9.00 30.19 0.26
N ALA B 386 8.89 30.57 -1.00
CA ALA B 386 8.72 29.59 -2.06
C ALA B 386 9.93 28.62 -2.14
N ASP B 387 11.12 29.15 -1.95
CA ASP B 387 12.29 28.30 -1.99
C ASP B 387 12.19 27.24 -0.90
N THR B 388 11.73 27.62 0.28
CA THR B 388 11.59 26.65 1.40
C THR B 388 10.56 25.59 1.04
N ALA B 389 9.42 26.05 0.54
CA ALA B 389 8.36 25.17 0.14
C ALA B 389 8.84 24.13 -0.83
N ALA B 390 9.61 24.53 -1.83
CA ALA B 390 10.17 23.58 -2.82
C ALA B 390 11.08 22.54 -2.14
N GLN B 391 11.91 22.95 -1.20
CA GLN B 391 12.73 21.95 -0.41
C GLN B 391 11.90 20.95 0.38
N VAL B 392 10.86 21.44 1.09
CA VAL B 392 10.00 20.57 1.83
C VAL B 392 9.22 19.65 0.89
N ARG B 393 8.75 20.12 -0.28
CA ARG B 393 8.09 19.20 -1.20
C ARG B 393 9.06 18.08 -1.62
N GLU B 394 10.29 18.48 -1.90
CA GLU B 394 11.28 17.50 -2.31
C GLU B 394 11.54 16.46 -1.21
N ALA B 395 11.48 16.87 0.04
CA ALA B 395 11.78 15.92 1.11
C ALA B 395 10.55 15.04 1.24
N LEU B 397 8.76 14.11 -1.13
CA LEU B 397 8.83 13.13 -2.27
C LEU B 397 9.60 11.89 -1.79
N GLY B 398 10.66 12.13 -1.04
CA GLY B 398 11.48 11.09 -0.49
C GLY B 398 10.81 10.15 0.48
N VAL B 399 9.92 10.68 1.32
CA VAL B 399 9.18 9.89 2.27
C VAL B 399 8.46 8.76 1.52
N VAL B 400 7.86 9.14 0.39
CA VAL B 400 7.03 8.17 -0.34
C VAL B 400 7.84 7.29 -1.27
N GLU B 401 8.86 7.86 -1.92
N GLU B 401 8.85 7.86 -1.95
CA GLU B 401 9.71 7.08 -2.83
CA GLU B 401 9.70 7.08 -2.86
C GLU B 401 10.69 6.13 -2.12
C GLU B 401 10.69 6.13 -2.14
N SER B 402 11.23 6.53 -1.00
CA SER B 402 12.20 5.65 -0.29
C SER B 402 12.12 5.50 1.22
N GLY B 403 11.12 6.13 1.85
CA GLY B 403 10.98 6.14 3.28
C GLY B 403 9.80 5.40 3.86
N THR B 404 9.19 6.00 4.85
CA THR B 404 8.09 5.42 5.56
C THR B 404 6.73 5.51 4.80
N GLY B 405 6.69 6.19 3.66
CA GLY B 405 5.38 6.41 2.95
C GLY B 405 5.20 5.68 1.64
N GLY B 407 3.83 3.02 1.05
CA GLY B 407 2.46 2.52 1.02
C GLY B 407 1.55 3.44 0.19
N ALA B 408 1.91 4.72 0.08
CA ALA B 408 1.18 5.73 -0.67
C ALA B 408 1.50 5.74 -2.14
N ARG B 409 2.51 5.00 -2.56
CA ARG B 409 2.88 4.98 -3.96
C ARG B 409 1.77 4.48 -4.87
N VAL B 410 1.70 5.10 -6.04
CA VAL B 410 0.72 4.77 -7.02
C VAL B 410 1.44 4.71 -8.35
N PRO B 411 1.45 3.53 -8.99
CA PRO B 411 2.14 3.51 -10.29
C PRO B 411 1.50 4.52 -11.27
N GLY B 412 2.35 5.20 -12.02
CA GLY B 412 1.92 6.20 -13.01
C GLY B 412 1.82 7.63 -12.54
N VAL B 413 2.07 7.88 -11.25
CA VAL B 413 1.95 9.23 -10.70
C VAL B 413 2.88 9.42 -9.48
N LYS B 414 3.47 10.60 -9.39
CA LYS B 414 4.36 10.93 -8.27
C LYS B 414 3.57 11.58 -7.16
N ILE B 415 3.59 10.93 -6.01
CA ILE B 415 2.92 11.37 -4.80
C ILE B 415 3.98 11.67 -3.74
N ALA B 416 3.77 12.73 -2.98
CA ALA B 416 4.66 13.19 -1.93
C ALA B 416 3.83 13.40 -0.70
N GLY B 417 4.43 13.11 0.47
CA GLY B 417 3.79 13.34 1.69
C GLY B 417 4.67 13.05 2.93
N LYS B 418 4.02 13.12 4.08
CA LYS B 418 4.62 12.77 5.32
C LYS B 418 3.63 11.94 6.15
N THR B 419 4.15 10.82 6.63
CA THR B 419 3.44 9.94 7.46
C THR B 419 3.57 10.44 8.88
N GLY B 420 2.67 9.97 9.71
CA GLY B 420 2.74 10.29 11.11
C GLY B 420 2.42 9.09 11.99
N THR B 421 3.27 8.83 12.98
CA THR B 421 2.89 7.88 13.98
C THR B 421 2.96 8.61 15.34
N ALA B 422 2.17 8.17 16.31
CA ALA B 422 2.15 8.77 17.64
C ALA B 422 2.89 7.88 18.66
N ASP B 423 2.74 8.21 19.94
CA ASP B 423 3.40 7.45 21.01
C ASP B 423 2.72 6.09 21.31
N VAL B 424 3.14 5.07 20.55
CA VAL B 424 2.64 3.69 20.68
C VAL B 424 2.92 3.13 22.08
N GLU B 425 4.14 3.37 22.58
CA GLU B 425 4.55 2.90 23.91
C GLU B 425 3.64 3.43 25.05
N ASN B 426 2.94 4.53 24.78
CA ASN B 426 2.04 5.16 25.74
C ASN B 426 0.55 4.85 25.48
N GLY B 427 0.24 3.95 24.53
CA GLY B 427 -1.14 3.56 24.25
C GLY B 427 -1.75 3.88 22.88
N ASN B 428 -1.53 5.09 22.36
CA ASN B 428 -2.12 5.48 21.07
C ASN B 428 -1.35 5.03 19.79
N PHE B 429 -2.08 4.29 18.98
CA PHE B 429 -1.55 3.80 17.77
C PHE B 429 -2.21 4.48 16.60
N ASN B 430 -2.33 5.82 16.61
CA ASN B 430 -2.97 6.49 15.43
C ASN B 430 -1.97 6.57 14.29
N SER B 431 -2.45 6.61 13.02
CA SER B 431 -1.62 6.67 11.86
C SER B 431 -2.08 7.90 11.03
N PHE B 432 -1.17 8.80 10.67
CA PHE B 432 -1.48 10.00 9.92
C PHE B 432 -0.81 10.00 8.58
N PHE B 433 -1.34 10.80 7.69
CA PHE B 433 -0.68 11.02 6.45
C PHE B 433 -1.19 12.30 5.81
N ILE B 434 -0.27 13.12 5.36
CA ILE B 434 -0.59 14.36 4.60
C ILE B 434 0.22 14.23 3.35
N GLY B 435 -0.33 14.71 2.24
CA GLY B 435 0.37 14.59 1.01
C GLY B 435 -0.35 15.34 -0.09
N PHE B 436 0.28 15.34 -1.24
CA PHE B 436 -0.23 16.03 -2.40
C PHE B 436 0.19 15.31 -3.67
N ALA B 437 -0.47 15.71 -4.77
CA ALA B 437 -0.18 15.11 -6.08
C ALA B 437 -0.87 15.93 -7.21
N PRO B 438 -0.33 15.90 -8.43
CA PRO B 438 0.96 15.21 -8.75
C PRO B 438 2.08 16.06 -8.14
N TYR B 439 3.27 15.48 -7.94
CA TYR B 439 4.41 16.24 -7.36
C TYR B 439 4.71 17.57 -8.09
N ASP B 440 4.87 17.54 -9.40
CA ASP B 440 5.06 18.79 -10.14
C ASP B 440 3.63 19.29 -10.35
N HIS B 441 3.39 20.56 -10.10
CA HIS B 441 2.04 21.16 -10.26
C HIS B 441 0.94 20.40 -9.52
N PRO B 442 0.98 20.48 -8.19
CA PRO B 442 0.00 19.73 -7.41
C PRO B 442 -1.39 20.27 -7.62
N THR B 443 -2.40 19.41 -7.70
CA THR B 443 -3.79 19.86 -7.84
C THR B 443 -4.66 19.31 -6.71
N LEU B 444 -4.10 18.40 -5.90
CA LEU B 444 -4.83 17.86 -4.79
C LEU B 444 -3.89 17.63 -3.56
N VAL B 445 -4.48 17.86 -2.38
CA VAL B 445 -3.88 17.60 -1.06
C VAL B 445 -4.79 16.67 -0.29
N VAL B 446 -4.19 15.76 0.51
CA VAL B 446 -4.95 14.89 1.33
C VAL B 446 -4.35 14.89 2.78
N SER B 447 -5.23 14.65 3.73
CA SER B 447 -4.92 14.56 5.16
C SER B 447 -5.80 13.49 5.71
N VAL B 448 -5.16 12.55 6.39
CA VAL B 448 -5.79 11.42 6.92
C VAL B 448 -5.34 11.06 8.34
N VAL B 449 -6.30 10.62 9.17
CA VAL B 449 -5.99 9.92 10.44
C VAL B 449 -6.75 8.61 10.46
N ILE B 450 -6.07 7.51 10.84
CA ILE B 450 -6.75 6.26 11.04
C ILE B 450 -6.40 5.95 12.52
N GLU B 451 -7.42 5.85 13.37
CA GLU B 451 -7.28 5.65 14.78
C GLU B 451 -7.02 4.19 15.11
N GLY B 452 -5.99 3.96 15.90
CA GLY B 452 -5.68 2.62 16.32
C GLY B 452 -6.39 2.49 17.64
N ASN B 453 -7.49 1.75 17.68
CA ASN B 453 -8.21 1.52 18.94
C ASN B 453 -7.36 0.48 19.68
N GLY B 454 -7.64 -0.79 19.46
CA GLY B 454 -6.78 -1.83 20.01
C GLY B 454 -5.70 -1.95 18.96
N GLU B 455 -6.17 -2.29 17.76
CA GLU B 455 -5.37 -2.53 16.58
C GLU B 455 -4.15 -1.62 16.34
N ASN B 456 -3.13 -2.25 15.75
CA ASN B 456 -1.94 -1.64 15.29
C ASN B 456 -2.38 -1.25 13.87
N VAL B 457 -2.16 -0.02 13.45
CA VAL B 457 -2.57 0.45 12.12
C VAL B 457 -1.38 1.14 11.45
N LEU B 458 -0.17 0.67 11.79
CA LEU B 458 1.07 1.27 11.30
C LEU B 458 1.10 1.39 9.79
N GLY B 459 1.33 2.60 9.31
CA GLY B 459 1.36 2.88 7.86
C GLY B 459 0.01 2.86 7.14
N TYR B 460 -1.09 2.68 7.87
CA TYR B 460 -2.46 2.69 7.24
C TYR B 460 -2.83 4.06 6.68
N GLY B 461 -2.41 5.13 7.36
CA GLY B 461 -2.71 6.46 6.86
C GLY B 461 -2.18 6.65 5.46
N ALA B 462 -0.90 6.31 5.28
CA ALA B 462 -0.25 6.36 4.00
C ALA B 462 -0.98 5.56 2.86
N GLN B 463 -1.35 4.30 3.14
CA GLN B 463 -2.08 3.46 2.18
C GLN B 463 -3.43 4.08 1.82
N VAL B 464 -4.16 4.60 2.82
CA VAL B 464 -5.43 5.27 2.62
C VAL B 464 -5.21 6.56 1.83
N GLY B 465 -4.22 7.37 2.23
CA GLY B 465 -3.89 8.57 1.47
C GLY B 465 -3.60 8.41 -0.04
N GLY B 466 -2.73 7.48 -0.39
CA GLY B 466 -2.34 7.21 -1.77
C GLY B 466 -3.50 6.79 -2.64
N ARG B 467 -4.32 5.94 -2.06
CA ARG B 467 -5.49 5.40 -2.73
C ARG B 467 -6.50 6.53 -2.99
N VAL B 468 -6.75 7.35 -1.98
CA VAL B 468 -7.66 8.47 -2.13
C VAL B 468 -7.11 9.44 -3.19
N LEU B 469 -5.81 9.80 -3.13
CA LEU B 469 -5.23 10.67 -4.17
C LEU B 469 -5.34 10.10 -5.61
N ALA B 470 -5.01 8.83 -5.80
CA ALA B 470 -5.11 8.22 -7.13
C ALA B 470 -6.54 8.29 -7.72
N GLN B 471 -7.53 7.92 -6.91
CA GLN B 471 -8.91 7.92 -7.36
C GLN B 471 -9.37 9.32 -7.60
N CYS B 472 -9.02 10.23 -6.70
CA CYS B 472 -9.41 11.62 -6.88
C CYS B 472 -8.75 12.24 -8.14
N LEU B 473 -7.51 11.87 -8.47
CA LEU B 473 -6.89 12.41 -9.69
C LEU B 473 -7.64 11.96 -10.97
N ASN B 474 -8.11 10.72 -10.97
CA ASN B 474 -8.87 10.19 -12.11
C ASN B 474 -10.21 10.90 -12.26
N ILE B 475 -10.89 11.13 -11.15
CA ILE B 475 -12.17 11.82 -11.18
C ILE B 475 -11.98 13.18 -11.82
N GLN B 476 -10.99 13.90 -11.29
CA GLN B 476 -10.63 15.21 -11.72
C GLN B 476 -10.34 15.29 -13.23
N ALA B 477 -9.74 14.24 -13.77
CA ALA B 477 -9.38 14.19 -15.17
C ALA B 477 -10.56 14.08 -16.14
N LEU B 478 -11.72 13.66 -15.65
CA LEU B 478 -12.92 13.50 -16.50
C LEU B 478 -13.67 14.80 -16.84
#